data_2WIU
#
_entry.id   2WIU
#
_cell.length_a   166.933
_cell.length_b   166.933
_cell.length_c   124.577
_cell.angle_alpha   90.00
_cell.angle_beta   90.00
_cell.angle_gamma   90.00
#
_symmetry.space_group_name_H-M   'P 42 2 2'
#
loop_
_entity.id
_entity.type
_entity.pdbx_description
1 polymer 'PROTEIN HIPA'
2 polymer 'HTH-TYPE TRANSCRIPTIONAL REGULATOR HIPB'
3 non-polymer 'MERCURY (II) ION'
4 non-polymer 'CHLORIDE ION'
5 water water
#
loop_
_entity_poly.entity_id
_entity_poly.type
_entity_poly.pdbx_seq_one_letter_code
_entity_poly.pdbx_strand_id
1 'polypeptide(L)'
;MPKLVTWMNNQRVGELTKLANGAHTFKYAPEWLASRYARPLSLSLPLQRGNITSDAVFNFFDNLLPDSPIVRDRIVKRYH
AKSRQPFDLLSEIGRDSVGAVTLIPEDETVTHPIMAWEKLTEARLEEVLTAYKADIPLGMIREENDFRISVAGAQEKTAL
LRIGNDWCIPKGITPTTHIIKLPIGEIRQPNATLDLSQSVDNEYYCLLLAKELGLNVPDAEIIKAGNVRALAVERFDRRW
NAERTVLLRLPQEDMCQTFGLPSSVKYESDGGPGIARIMAFLMGSSEALKDRYDFMKFQVFQWLIGATDGHAKNFSVFIQ
AGGSYRLTPFYDIISAFPVLGGTGIHISDLKLAMGLNASKGKKTAIDKIYPRHFLATAKVLRFPEVQMHEILSDFARMIP
AALDNVKTSLPTDFPENVVTAVESNVLRLHGRLSREYGSKHHHHHH
;
A,C
2 'polypeptide(L)'
;MMSFQKIYSPTQLANAMKLVRQQNGWTQSELAKKIGIKQATISNFENNPDNTTLTTFFKILQSLELSMTLCDAKNASPES
TEQQNLEW
;
B,D
#
loop_
_chem_comp.id
_chem_comp.type
_chem_comp.name
_chem_comp.formula
CL non-polymer 'CHLORIDE ION' 'Cl -1'
HG non-polymer 'MERCURY (II) ION' 'Hg 2'
#
# COMPACT_ATOMS: atom_id res chain seq x y z
N PRO A 2 -10.08 -29.42 -25.55
CA PRO A 2 -11.22 -29.54 -24.63
C PRO A 2 -10.88 -28.82 -23.33
N LYS A 3 -11.70 -28.96 -22.29
CA LYS A 3 -11.48 -28.22 -21.03
C LYS A 3 -11.43 -29.08 -19.75
N LEU A 4 -10.49 -28.75 -18.87
CA LEU A 4 -10.53 -29.27 -17.52
C LEU A 4 -11.02 -28.17 -16.60
N VAL A 5 -12.07 -28.42 -15.85
CA VAL A 5 -12.43 -27.50 -14.80
C VAL A 5 -11.45 -27.58 -13.64
N THR A 6 -10.90 -26.43 -13.27
CA THR A 6 -10.00 -26.26 -12.16
C THR A 6 -10.72 -25.86 -10.86
N TRP A 7 -10.56 -26.69 -9.84
CA TRP A 7 -11.18 -26.49 -8.54
C TRP A 7 -10.11 -26.40 -7.46
N MET A 8 -10.38 -25.67 -6.38
CA MET A 8 -9.62 -25.79 -5.17
C MET A 8 -10.54 -25.94 -4.00
N ASN A 9 -10.43 -27.05 -3.29
CA ASN A 9 -11.41 -27.50 -2.30
C ASN A 9 -12.87 -27.17 -2.66
N ASN A 10 -13.34 -27.65 -3.81
CA ASN A 10 -14.77 -27.43 -4.12
C ASN A 10 -15.22 -25.96 -4.26
N GLN A 11 -14.25 -25.05 -4.20
CA GLN A 11 -14.30 -23.74 -4.84
C GLN A 11 -13.87 -23.80 -6.30
N ARG A 12 -14.72 -23.33 -7.21
CA ARG A 12 -14.39 -23.22 -8.64
C ARG A 12 -13.55 -22.03 -9.07
N VAL A 13 -12.48 -22.32 -9.78
CA VAL A 13 -11.41 -21.35 -9.98
C VAL A 13 -11.38 -20.89 -11.44
N GLY A 14 -11.54 -21.84 -12.36
CA GLY A 14 -11.69 -21.49 -13.77
C GLY A 14 -11.49 -22.74 -14.56
N GLU A 15 -10.95 -22.61 -15.77
CA GLU A 15 -10.84 -23.76 -16.68
C GLU A 15 -9.51 -23.70 -17.40
N LEU A 16 -8.93 -24.89 -17.59
CA LEU A 16 -7.81 -25.10 -18.47
C LEU A 16 -8.36 -25.68 -19.78
N THR A 17 -7.90 -25.13 -20.89
CA THR A 17 -8.44 -25.36 -22.21
C THR A 17 -7.22 -25.80 -22.99
N LYS A 18 -7.29 -26.95 -23.62
CA LYS A 18 -6.33 -27.30 -24.66
C LYS A 18 -7.09 -26.93 -25.94
N LEU A 19 -6.49 -26.05 -26.76
CA LEU A 19 -7.17 -25.51 -27.93
C LEU A 19 -7.01 -26.45 -29.12
N ALA A 20 -7.83 -26.19 -30.13
CA ALA A 20 -7.92 -27.06 -31.30
C ALA A 20 -6.54 -27.28 -31.93
N ASN A 21 -5.74 -26.22 -31.99
CA ASN A 21 -4.31 -26.32 -32.27
C ASN A 21 -3.39 -26.88 -31.18
N GLY A 22 -3.94 -27.23 -30.02
CA GLY A 22 -3.19 -27.90 -28.94
C GLY A 22 -2.36 -27.01 -27.99
N ALA A 23 -2.82 -25.79 -27.74
CA ALA A 23 -2.08 -24.83 -26.97
C ALA A 23 -2.93 -24.68 -25.73
N HIS A 24 -2.27 -24.39 -24.61
CA HIS A 24 -2.91 -24.46 -23.31
C HIS A 24 -3.15 -23.02 -22.88
N THR A 25 -4.36 -22.73 -22.42
CA THR A 25 -4.65 -21.39 -21.98
C THR A 25 -5.51 -21.59 -20.76
N PHE A 26 -5.67 -20.52 -19.98
CA PHE A 26 -6.44 -20.64 -18.77
C PHE A 26 -7.30 -19.39 -18.57
N LYS A 27 -8.43 -19.54 -17.91
CA LYS A 27 -9.26 -18.37 -17.69
C LYS A 27 -9.94 -18.57 -16.35
N TYR A 28 -9.80 -17.58 -15.49
CA TYR A 28 -10.43 -17.60 -14.17
C TYR A 28 -11.93 -17.35 -14.37
N ALA A 29 -12.70 -18.01 -13.52
CA ALA A 29 -14.10 -17.78 -13.31
C ALA A 29 -14.41 -16.46 -12.56
N PRO A 30 -15.39 -15.66 -13.05
CA PRO A 30 -15.86 -14.46 -12.37
C PRO A 30 -16.28 -14.68 -10.94
N GLU A 31 -16.89 -15.81 -10.67
CA GLU A 31 -17.12 -16.19 -9.28
C GLU A 31 -15.81 -16.31 -8.45
N TRP A 32 -14.73 -16.89 -9.00
CA TRP A 32 -13.45 -16.95 -8.30
C TRP A 32 -12.92 -15.55 -8.02
N LEU A 33 -12.94 -14.69 -9.03
CA LEU A 33 -12.39 -13.36 -8.88
C LEU A 33 -13.12 -12.54 -7.85
N ALA A 34 -14.36 -12.92 -7.56
CA ALA A 34 -15.19 -12.19 -6.63
C ALA A 34 -15.01 -12.74 -5.23
N SER A 35 -14.38 -13.91 -5.12
CA SER A 35 -14.55 -14.78 -3.95
C SER A 35 -13.66 -14.27 -2.81
N ARG A 36 -14.05 -14.63 -1.60
CA ARG A 36 -13.30 -14.28 -0.44
C ARG A 36 -12.02 -15.05 -0.47
N TYR A 37 -12.10 -16.26 -0.98
CA TYR A 37 -10.99 -17.16 -1.11
C TYR A 37 -10.02 -16.80 -2.22
N ALA A 38 -10.37 -15.88 -3.09
CA ALA A 38 -9.57 -15.53 -4.26
C ALA A 38 -8.06 -15.35 -4.11
N ARG A 39 -7.30 -15.91 -5.04
CA ARG A 39 -5.83 -15.81 -5.10
C ARG A 39 -5.53 -16.49 -6.42
N PRO A 40 -4.40 -16.13 -7.03
CA PRO A 40 -3.91 -16.67 -8.26
C PRO A 40 -3.61 -18.17 -8.10
N LEU A 41 -3.95 -18.99 -9.09
CA LEU A 41 -3.50 -20.39 -9.21
C LEU A 41 -1.99 -20.55 -8.98
N SER A 42 -1.24 -19.61 -9.51
CA SER A 42 0.20 -19.63 -9.39
C SER A 42 0.55 -18.15 -9.39
N LEU A 43 1.63 -17.78 -8.76
CA LEU A 43 2.10 -16.42 -8.91
C LEU A 43 2.56 -16.10 -10.33
N SER A 44 2.72 -17.14 -11.16
CA SER A 44 3.07 -16.91 -12.57
C SER A 44 1.81 -16.60 -13.40
N LEU A 45 0.61 -16.85 -12.83
CA LEU A 45 -0.70 -16.62 -13.43
C LEU A 45 -1.57 -15.67 -12.58
N PRO A 46 -1.21 -14.39 -12.58
CA PRO A 46 -1.99 -13.50 -11.72
C PRO A 46 -3.48 -13.43 -12.07
N LEU A 47 -4.27 -13.17 -11.05
CA LEU A 47 -5.69 -12.91 -11.24
C LEU A 47 -5.97 -11.79 -12.24
N GLN A 48 -6.90 -12.07 -13.15
CA GLN A 48 -7.19 -11.26 -14.34
C GLN A 48 -8.44 -11.71 -15.07
N ARG A 49 -8.89 -10.94 -16.05
CA ARG A 49 -10.19 -11.24 -16.64
C ARG A 49 -10.08 -12.04 -17.92
N GLY A 50 -9.05 -11.76 -18.71
CA GLY A 50 -9.04 -12.45 -20.01
C GLY A 50 -8.70 -13.93 -19.97
N ASN A 51 -8.29 -14.46 -21.13
CA ASN A 51 -7.61 -15.72 -21.25
C ASN A 51 -6.13 -15.48 -21.10
N ILE A 52 -5.48 -16.27 -20.25
CA ILE A 52 -4.04 -16.31 -20.26
C ILE A 52 -3.54 -17.40 -21.20
N THR A 53 -2.51 -17.10 -21.96
CA THR A 53 -2.06 -17.90 -23.09
C THR A 53 -0.54 -17.91 -23.07
N SER A 54 0.08 -17.30 -22.06
CA SER A 54 1.54 -17.43 -21.92
C SER A 54 2.06 -18.86 -21.71
N ASP A 55 3.37 -19.00 -21.82
CA ASP A 55 4.01 -20.26 -21.52
C ASP A 55 3.73 -20.70 -20.06
N ALA A 56 3.63 -19.73 -19.16
CA ALA A 56 3.43 -19.94 -17.74
C ALA A 56 2.32 -20.92 -17.51
N VAL A 57 1.37 -21.04 -18.44
CA VAL A 57 0.18 -21.86 -18.19
C VAL A 57 0.50 -23.35 -18.35
N PHE A 58 1.04 -23.68 -19.52
CA PHE A 58 1.62 -24.97 -19.81
C PHE A 58 2.58 -25.45 -18.69
N ASN A 59 3.53 -24.61 -18.31
CA ASN A 59 4.56 -24.92 -17.31
C ASN A 59 3.93 -25.20 -15.94
N PHE A 60 2.97 -24.39 -15.53
CA PHE A 60 2.33 -24.65 -14.27
C PHE A 60 1.83 -26.09 -14.04
N PHE A 61 1.01 -26.55 -14.98
CA PHE A 61 0.37 -27.84 -14.99
C PHE A 61 1.40 -28.97 -15.28
N ASP A 62 2.40 -28.61 -16.05
CA ASP A 62 3.40 -29.59 -16.49
C ASP A 62 4.20 -29.95 -15.23
N ASN A 63 4.43 -28.94 -14.41
CA ASN A 63 5.04 -29.06 -13.10
C ASN A 63 4.20 -29.72 -12.01
N LEU A 64 2.95 -30.10 -12.30
CA LEU A 64 2.15 -30.91 -11.37
C LEU A 64 2.44 -32.41 -11.46
N LEU A 65 3.29 -32.79 -12.41
CA LEU A 65 3.40 -34.14 -12.90
C LEU A 65 4.82 -34.62 -12.65
N PRO A 66 4.97 -35.91 -12.50
CA PRO A 66 6.27 -36.51 -12.37
C PRO A 66 7.15 -36.13 -13.54
N ASP A 67 8.38 -35.77 -13.28
CA ASP A 67 9.22 -35.30 -14.36
C ASP A 67 9.63 -36.37 -15.37
N SER A 68 9.78 -37.61 -14.98
CA SER A 68 10.21 -38.61 -15.93
C SER A 68 9.19 -38.99 -16.98
N PRO A 69 9.65 -39.06 -18.21
CA PRO A 69 8.91 -39.55 -19.38
C PRO A 69 8.54 -41.03 -19.27
N ILE A 70 9.36 -41.81 -18.58
CA ILE A 70 9.01 -43.20 -18.24
C ILE A 70 7.78 -43.40 -17.34
N VAL A 71 7.80 -42.77 -16.17
CA VAL A 71 6.59 -42.65 -15.34
C VAL A 71 5.39 -42.14 -16.12
N ARG A 72 5.59 -41.10 -16.91
CA ARG A 72 4.49 -40.58 -17.71
C ARG A 72 3.98 -41.59 -18.67
N ASP A 73 4.90 -42.39 -19.19
CA ASP A 73 4.50 -43.39 -20.17
C ASP A 73 3.65 -44.49 -19.53
N ARG A 74 4.01 -44.92 -18.34
CA ARG A 74 3.11 -45.72 -17.52
C ARG A 74 1.67 -45.23 -17.26
N ILE A 75 1.51 -43.96 -16.90
CA ILE A 75 0.20 -43.38 -16.62
C ILE A 75 -0.54 -43.52 -17.93
N VAL A 76 0.17 -43.24 -19.01
CA VAL A 76 -0.46 -43.28 -20.32
C VAL A 76 -1.05 -44.67 -20.58
N LYS A 77 -0.32 -45.69 -20.20
CA LYS A 77 -0.77 -47.02 -20.45
C LYS A 77 -1.74 -47.46 -19.38
N ARG A 78 -1.51 -47.01 -18.16
CA ARG A 78 -2.44 -47.33 -17.11
C ARG A 78 -3.85 -46.89 -17.44
N TYR A 79 -4.01 -45.74 -18.07
CA TYR A 79 -5.33 -45.22 -18.27
C TYR A 79 -5.70 -44.95 -19.70
N HIS A 80 -5.05 -45.61 -20.62
CA HIS A 80 -5.33 -45.34 -22.00
C HIS A 80 -5.53 -43.85 -22.22
N ALA A 81 -4.64 -43.08 -21.62
CA ALA A 81 -4.61 -41.66 -21.80
C ALA A 81 -4.32 -41.24 -23.22
N LYS A 82 -5.15 -40.37 -23.73
CA LYS A 82 -5.00 -39.83 -25.04
C LYS A 82 -3.63 -39.30 -25.35
N SER A 83 -2.64 -39.49 -24.51
CA SER A 83 -1.41 -38.83 -24.82
C SER A 83 -0.55 -38.57 -23.64
N ARG A 84 0.57 -37.91 -23.85
CA ARG A 84 1.52 -37.77 -22.75
C ARG A 84 1.79 -36.35 -22.41
N GLN A 85 1.06 -35.49 -23.06
CA GLN A 85 0.99 -34.08 -22.73
C GLN A 85 0.27 -33.86 -21.40
N PRO A 86 0.67 -32.81 -20.67
CA PRO A 86 0.05 -32.41 -19.41
C PRO A 86 -1.46 -32.54 -19.44
N PHE A 87 -2.09 -32.01 -20.47
CA PHE A 87 -3.55 -31.88 -20.42
C PHE A 87 -4.16 -33.25 -20.33
N ASP A 88 -3.54 -34.21 -21.02
CA ASP A 88 -4.06 -35.55 -21.13
C ASP A 88 -3.73 -36.42 -19.95
N LEU A 89 -2.53 -36.23 -19.43
CA LEU A 89 -2.16 -36.93 -18.20
C LEU A 89 -3.08 -36.40 -17.11
N LEU A 90 -3.18 -35.08 -16.99
CA LEU A 90 -3.97 -34.53 -15.90
C LEU A 90 -5.45 -34.88 -15.96
N SER A 91 -5.98 -35.21 -17.14
CA SER A 91 -7.39 -35.61 -17.26
C SER A 91 -7.63 -36.97 -16.67
N GLU A 92 -6.56 -37.76 -16.55
CA GLU A 92 -6.60 -39.04 -15.87
C GLU A 92 -6.24 -39.01 -14.39
N ILE A 93 -5.31 -38.16 -13.96
CA ILE A 93 -4.71 -38.24 -12.61
C ILE A 93 -4.70 -36.90 -11.86
N GLY A 94 -5.39 -35.91 -12.41
CA GLY A 94 -5.39 -34.60 -11.84
C GLY A 94 -6.36 -34.30 -10.72
N ARG A 95 -6.96 -35.31 -10.12
CA ARG A 95 -7.79 -35.11 -8.92
C ARG A 95 -7.08 -34.81 -7.60
N ASP A 96 -5.85 -35.31 -7.48
CA ASP A 96 -5.06 -35.10 -6.25
C ASP A 96 -3.62 -34.84 -6.70
N SER A 97 -3.12 -33.66 -6.41
CA SER A 97 -1.83 -33.21 -6.85
C SER A 97 -1.14 -32.49 -5.68
N VAL A 98 0.11 -32.08 -5.83
CA VAL A 98 0.74 -31.20 -4.86
C VAL A 98 -0.06 -29.88 -4.82
N GLY A 99 -0.23 -29.30 -3.63
CA GLY A 99 -1.14 -28.19 -3.39
C GLY A 99 -2.63 -28.48 -3.55
N ALA A 100 -3.39 -27.53 -4.09
CA ALA A 100 -4.83 -27.66 -3.97
C ALA A 100 -5.61 -27.86 -5.24
N VAL A 101 -4.92 -27.93 -6.38
CA VAL A 101 -5.58 -28.06 -7.68
C VAL A 101 -6.25 -29.44 -7.85
N THR A 102 -7.55 -29.43 -8.11
CA THR A 102 -8.24 -30.63 -8.59
C THR A 102 -8.79 -30.37 -10.00
N LEU A 103 -8.40 -31.19 -10.97
CA LEU A 103 -8.81 -31.07 -12.38
C LEU A 103 -9.88 -32.07 -12.84
N ILE A 104 -11.02 -31.56 -13.28
CA ILE A 104 -12.16 -32.42 -13.61
C ILE A 104 -12.52 -32.21 -15.07
N PRO A 105 -12.36 -33.26 -15.90
CA PRO A 105 -12.83 -33.18 -17.29
C PRO A 105 -14.24 -32.58 -17.33
N GLU A 106 -14.49 -31.80 -18.36
CA GLU A 106 -15.57 -30.81 -18.37
C GLU A 106 -16.93 -31.50 -18.35
N ASP A 107 -17.02 -32.61 -19.09
CA ASP A 107 -18.21 -33.48 -19.21
C ASP A 107 -18.11 -34.71 -18.33
N GLU A 108 -18.97 -34.78 -17.31
CA GLU A 108 -18.55 -35.24 -15.99
C GLU A 108 -19.12 -34.35 -14.89
N HIS A 112 -18.32 -37.66 -7.52
CA HIS A 112 -17.05 -38.01 -6.85
C HIS A 112 -17.10 -37.90 -5.31
N PRO A 113 -16.76 -39.02 -4.64
CA PRO A 113 -16.68 -39.13 -3.18
C PRO A 113 -15.75 -38.09 -2.56
N ILE A 114 -16.17 -37.55 -1.44
CA ILE A 114 -15.56 -36.39 -0.90
C ILE A 114 -14.55 -36.81 0.15
N MET A 115 -14.86 -37.88 0.86
CA MET A 115 -13.89 -38.55 1.70
C MET A 115 -14.23 -40.03 1.69
N ALA A 116 -13.52 -40.78 0.87
CA ALA A 116 -13.83 -42.19 0.64
C ALA A 116 -12.74 -43.19 1.05
N TRP A 117 -12.49 -43.26 2.34
CA TRP A 117 -11.79 -44.37 3.01
C TRP A 117 -11.89 -45.74 2.33
N GLU A 118 -10.77 -46.42 2.09
CA GLU A 118 -10.81 -47.71 1.35
C GLU A 118 -9.63 -48.71 1.49
N LYS A 119 -9.64 -49.35 2.64
CA LYS A 119 -8.51 -49.95 3.32
C LYS A 119 -7.58 -50.84 2.56
N LEU A 120 -6.33 -50.85 3.01
CA LEU A 120 -5.32 -51.73 2.48
C LEU A 120 -4.93 -52.71 3.56
N THR A 121 -4.76 -53.95 3.14
CA THR A 121 -4.44 -54.98 4.07
C THR A 121 -2.99 -54.94 4.41
N GLU A 122 -2.16 -55.04 3.42
CA GLU A 122 -0.76 -55.16 3.78
C GLU A 122 -0.07 -55.97 2.77
N ALA A 123 -0.70 -57.03 2.36
CA ALA A 123 -0.22 -57.75 1.23
C ALA A 123 -0.59 -56.90 0.06
N ARG A 124 -1.65 -56.15 0.22
CA ARG A 124 -2.13 -55.23 -0.78
C ARG A 124 -1.23 -54.00 -0.79
N LEU A 125 -0.88 -53.58 0.40
CA LEU A 125 0.01 -52.47 0.54
C LEU A 125 1.34 -52.87 -0.05
N GLU A 126 1.81 -54.06 0.23
CA GLU A 126 3.05 -54.47 -0.39
C GLU A 126 2.88 -54.48 -1.89
N GLU A 127 1.72 -54.84 -2.37
CA GLU A 127 1.51 -54.81 -3.82
C GLU A 127 1.41 -53.43 -4.46
N VAL A 128 0.78 -52.48 -3.76
CA VAL A 128 0.74 -51.07 -4.19
C VAL A 128 2.17 -50.49 -4.26
N LEU A 129 2.96 -50.72 -3.21
CA LEU A 129 4.33 -50.22 -3.11
C LEU A 129 5.33 -50.87 -4.07
N THR A 130 5.10 -52.14 -4.35
CA THR A 130 5.79 -52.91 -5.40
C THR A 130 5.39 -52.64 -6.86
N ALA A 131 4.51 -51.68 -7.12
CA ALA A 131 3.73 -51.67 -8.34
C ALA A 131 4.50 -51.38 -9.62
N TYR A 132 5.60 -50.63 -9.52
CA TYR A 132 6.53 -50.45 -10.65
C TYR A 132 7.03 -51.79 -11.21
N ASP A 135 4.03 -52.64 -14.31
CA ASP A 135 4.69 -51.43 -14.83
C ASP A 135 3.87 -50.15 -14.60
N ILE A 136 3.41 -50.01 -13.36
CA ILE A 136 2.21 -49.24 -13.00
C ILE A 136 2.70 -47.87 -12.47
N PRO A 137 1.96 -46.78 -12.81
CA PRO A 137 2.40 -45.42 -12.40
C PRO A 137 1.79 -45.05 -11.05
N LEU A 138 2.65 -44.52 -10.18
CA LEU A 138 2.28 -43.91 -8.89
C LEU A 138 1.50 -44.81 -7.92
N GLY A 139 1.80 -46.10 -7.93
CA GLY A 139 0.95 -47.11 -7.29
C GLY A 139 -0.55 -47.20 -7.63
N MET A 140 -0.91 -46.84 -8.85
CA MET A 140 -2.29 -46.86 -9.29
C MET A 140 -2.68 -48.17 -9.97
N ILE A 141 -2.69 -49.23 -9.18
CA ILE A 141 -3.16 -50.54 -9.56
C ILE A 141 -4.13 -50.55 -10.73
N ARG A 142 -4.07 -51.61 -11.54
CA ARG A 142 -4.97 -51.72 -12.69
C ARG A 142 -6.39 -52.15 -12.35
N GLU A 143 -6.62 -52.66 -11.15
CA GLU A 143 -7.96 -53.09 -10.73
C GLU A 143 -8.72 -52.11 -9.82
N GLU A 144 -8.75 -50.85 -10.23
CA GLU A 144 -8.92 -49.72 -9.31
C GLU A 144 -9.10 -48.43 -10.13
N ASN A 145 -10.35 -47.97 -10.21
CA ASN A 145 -10.66 -46.61 -10.67
C ASN A 145 -11.07 -45.67 -9.53
N ASP A 146 -10.95 -44.37 -9.75
CA ASP A 146 -11.20 -43.40 -8.69
C ASP A 146 -10.01 -43.24 -7.71
N PHE A 147 -8.88 -43.90 -7.99
CA PHE A 147 -7.57 -43.52 -7.41
C PHE A 147 -6.69 -42.75 -8.42
N ARG A 148 -6.72 -41.42 -8.35
CA ARG A 148 -6.29 -40.60 -9.48
C ARG A 148 -5.42 -39.45 -9.01
N ILE A 149 -4.17 -39.79 -8.66
CA ILE A 149 -3.22 -38.89 -8.01
C ILE A 149 -2.05 -38.54 -8.93
N SER A 150 -1.54 -37.32 -8.79
CA SER A 150 -0.26 -36.91 -9.38
C SER A 150 0.73 -36.47 -8.28
N VAL A 151 1.99 -36.92 -8.37
CA VAL A 151 3.08 -36.32 -7.56
C VAL A 151 4.28 -35.95 -8.47
N ALA A 152 4.72 -34.69 -8.42
CA ALA A 152 5.94 -34.28 -9.12
C ALA A 152 7.21 -35.03 -8.65
N GLY A 153 8.36 -34.70 -9.21
CA GLY A 153 9.62 -35.28 -8.74
C GLY A 153 9.97 -36.53 -9.49
N ALA A 154 11.14 -37.11 -9.21
CA ALA A 154 11.73 -38.12 -10.07
C ALA A 154 11.81 -39.48 -9.37
N GLN A 155 11.69 -39.46 -8.04
CA GLN A 155 11.65 -40.70 -7.26
C GLN A 155 10.34 -41.45 -7.54
N GLU A 156 10.44 -42.75 -7.76
CA GLU A 156 9.31 -43.65 -7.64
C GLU A 156 8.52 -43.36 -6.37
N LYS A 157 7.24 -43.04 -6.52
CA LYS A 157 6.44 -42.77 -5.36
C LYS A 157 4.97 -42.84 -5.58
N THR A 158 4.24 -42.52 -4.53
CA THR A 158 2.83 -42.72 -4.48
C THR A 158 2.36 -41.92 -3.30
N ALA A 159 1.08 -41.81 -3.09
CA ALA A 159 0.56 -41.04 -1.98
C ALA A 159 -0.61 -41.79 -1.44
N LEU A 160 -0.68 -41.87 -0.14
CA LEU A 160 -1.73 -42.63 0.50
C LEU A 160 -2.49 -41.80 1.48
N LEU A 161 -3.59 -42.33 1.97
CA LEU A 161 -4.34 -41.65 2.98
C LEU A 161 -4.32 -42.45 4.22
N ARG A 162 -4.41 -42.26 5.10
CA ARG A 162 -4.26 -42.77 6.43
C ARG A 162 -4.92 -41.89 7.44
N ILE A 163 -5.86 -42.18 8.31
CA ILE A 163 -6.30 -41.73 9.64
C ILE A 163 -6.23 -42.94 10.58
N GLY A 164 -5.72 -42.70 11.79
CA GLY A 164 -5.43 -43.80 12.69
C GLY A 164 -4.28 -44.60 12.11
N ASN A 165 -4.48 -45.90 11.92
CA ASN A 165 -3.37 -46.83 12.01
C ASN A 165 -3.20 -47.53 10.68
N ASP A 166 -4.26 -47.50 9.88
CA ASP A 166 -4.21 -48.23 8.62
C ASP A 166 -4.04 -47.30 7.42
N TRP A 167 -3.51 -47.85 6.33
CA TRP A 167 -3.18 -47.13 5.11
C TRP A 167 -4.24 -47.45 4.06
N CYS A 168 -4.81 -46.40 3.44
CA CYS A 168 -5.77 -46.57 2.34
C CYS A 168 -5.49 -45.88 1.05
N ILE A 169 -6.00 -46.46 -0.03
CA ILE A 169 -6.10 -45.83 -1.34
C ILE A 169 -7.34 -44.94 -1.40
N PRO A 170 -7.15 -43.62 -1.56
CA PRO A 170 -8.27 -42.67 -1.48
C PRO A 170 -9.04 -42.71 -2.79
N LYS A 171 -10.35 -42.47 -2.76
CA LYS A 171 -11.11 -42.56 -4.00
C LYS A 171 -11.85 -41.26 -4.37
N GLY A 172 -11.90 -40.95 -5.67
CA GLY A 172 -12.69 -39.81 -6.17
C GLY A 172 -11.87 -38.55 -6.09
N ILE A 173 -12.42 -37.51 -5.48
CA ILE A 173 -11.56 -36.39 -5.09
C ILE A 173 -11.12 -36.36 -3.63
N THR A 174 -11.12 -37.51 -2.97
CA THR A 174 -10.57 -37.63 -1.60
C THR A 174 -9.07 -37.31 -1.56
N PRO A 175 -8.63 -36.45 -0.62
CA PRO A 175 -7.18 -36.15 -0.53
C PRO A 175 -6.32 -37.21 0.14
N THR A 176 -5.05 -37.32 -0.25
CA THR A 176 -4.04 -38.21 0.34
C THR A 176 -3.49 -37.43 1.52
N THR A 177 -2.90 -38.10 2.52
CA THR A 177 -2.28 -37.42 3.68
C THR A 177 -0.74 -37.66 3.68
N HIS A 178 -0.21 -38.55 2.85
CA HIS A 178 1.20 -38.92 2.97
C HIS A 178 1.76 -39.15 1.60
N ILE A 179 3.00 -38.72 1.41
CA ILE A 179 3.76 -39.13 0.23
C ILE A 179 4.70 -40.29 0.60
N ILE A 180 4.69 -41.37 -0.18
CA ILE A 180 5.43 -42.60 0.15
C ILE A 180 6.55 -42.68 -0.87
N LYS A 181 7.79 -42.69 -0.36
CA LYS A 181 8.96 -42.70 -1.21
C LYS A 181 9.61 -44.08 -1.16
N LEU A 182 10.04 -44.53 -2.32
CA LEU A 182 10.74 -45.77 -2.45
C LEU A 182 12.17 -45.47 -2.79
N PRO A 183 13.01 -46.45 -2.61
CA PRO A 183 14.44 -46.26 -2.69
C PRO A 183 14.94 -46.12 -4.10
N ILE A 184 15.90 -45.23 -4.27
CA ILE A 184 16.48 -44.90 -5.55
C ILE A 184 17.40 -46.00 -6.10
N GLY A 185 18.33 -46.46 -5.28
CA GLY A 185 19.27 -47.51 -5.70
C GLY A 185 20.52 -46.98 -6.38
N GLU A 186 21.05 -47.79 -7.30
CA GLU A 186 22.25 -47.43 -8.03
C GLU A 186 22.03 -46.52 -9.25
N ILE A 187 22.30 -45.23 -9.09
CA ILE A 187 22.55 -44.35 -10.23
C ILE A 187 23.95 -44.64 -10.78
N ARG A 188 23.99 -45.24 -11.96
CA ARG A 188 25.18 -45.25 -12.83
C ARG A 188 25.14 -44.08 -13.81
N GLN A 189 25.92 -43.03 -13.54
CA GLN A 189 26.03 -41.91 -14.43
C GLN A 189 27.22 -42.16 -15.37
N PRO A 190 27.15 -41.71 -16.61
CA PRO A 190 28.24 -41.95 -17.53
C PRO A 190 29.55 -41.80 -16.80
N ASN A 191 29.55 -40.85 -15.89
CA ASN A 191 30.75 -40.45 -15.20
C ASN A 191 30.76 -40.83 -13.73
N ALA A 192 30.10 -41.91 -13.37
CA ALA A 192 30.01 -42.26 -11.97
C ALA A 192 28.88 -43.22 -11.69
N THR A 193 28.94 -43.84 -10.54
CA THR A 193 27.96 -44.82 -10.13
C THR A 193 27.72 -44.63 -8.65
N LEU A 194 26.47 -44.36 -8.29
CA LEU A 194 26.12 -43.87 -6.96
C LEU A 194 25.28 -44.81 -6.15
N ASP A 195 25.65 -44.97 -4.89
CA ASP A 195 24.90 -45.79 -3.95
C ASP A 195 23.72 -45.15 -3.20
N LEU A 196 22.60 -44.94 -3.92
CA LEU A 196 21.33 -44.43 -3.37
C LEU A 196 20.29 -45.53 -3.16
N SER A 197 20.78 -46.76 -2.97
CA SER A 197 19.91 -47.90 -2.71
C SER A 197 19.18 -47.60 -1.39
N GLN A 198 19.71 -46.61 -0.68
CA GLN A 198 19.36 -46.42 0.72
C GLN A 198 18.81 -45.04 0.94
N SER A 199 18.04 -44.58 -0.04
CA SER A 199 17.65 -43.18 -0.11
C SER A 199 16.53 -42.94 0.93
N VAL A 200 15.79 -43.99 1.25
CA VAL A 200 14.78 -43.91 2.29
C VAL A 200 15.29 -43.69 3.71
N ASP A 201 16.24 -44.50 4.16
CA ASP A 201 17.05 -44.20 5.37
C ASP A 201 17.80 -42.88 5.39
N ASN A 202 18.42 -42.53 4.29
CA ASN A 202 19.13 -41.27 4.17
C ASN A 202 18.27 -40.01 4.31
N GLU A 203 17.17 -39.93 3.55
CA GLU A 203 16.17 -38.88 3.79
C GLU A 203 15.53 -38.93 5.19
N TYR A 204 15.13 -40.11 5.63
CA TYR A 204 14.72 -40.23 7.00
C TYR A 204 15.70 -39.51 7.93
N TYR A 205 16.97 -39.87 7.85
CA TYR A 205 18.01 -39.32 8.73
C TYR A 205 18.10 -37.79 8.60
N CYS A 206 18.09 -37.25 7.39
CA CYS A 206 18.44 -35.83 7.17
C CYS A 206 17.27 -34.94 7.61
N LEU A 207 16.08 -35.48 7.49
CA LEU A 207 14.88 -34.84 7.96
C LEU A 207 14.88 -34.75 9.47
N LEU A 208 15.24 -35.81 10.13
CA LEU A 208 15.45 -35.78 11.56
C LEU A 208 16.44 -34.76 12.02
N LEU A 209 17.56 -34.64 11.35
CA LEU A 209 18.57 -33.70 11.71
C LEU A 209 18.23 -32.26 11.41
N ALA A 210 17.46 -32.02 10.38
CA ALA A 210 17.08 -30.67 9.99
C ALA A 210 16.23 -30.15 11.12
N LYS A 211 15.36 -31.04 11.57
CA LYS A 211 14.40 -30.74 12.59
C LYS A 211 15.06 -30.53 13.95
N GLU A 212 16.06 -31.36 14.24
CA GLU A 212 16.95 -31.19 15.40
C GLU A 212 17.65 -29.83 15.39
N LEU A 213 18.07 -29.35 14.25
CA LEU A 213 18.64 -28.02 14.18
C LEU A 213 17.58 -26.88 14.09
N GLY A 214 16.34 -27.17 14.49
CA GLY A 214 15.24 -26.20 14.36
C GLY A 214 14.85 -25.71 12.96
N LEU A 215 15.26 -26.38 11.89
CA LEU A 215 14.59 -26.16 10.62
C LEU A 215 13.17 -26.71 10.52
N ASN A 216 12.30 -26.03 9.79
CA ASN A 216 10.96 -26.56 9.56
C ASN A 216 10.87 -27.61 8.45
N VAL A 217 10.45 -28.84 8.77
CA VAL A 217 10.47 -29.94 7.83
C VAL A 217 9.29 -30.84 8.18
N PRO A 218 8.77 -31.63 7.23
CA PRO A 218 7.69 -32.56 7.58
C PRO A 218 8.16 -33.71 8.50
N ASP A 219 7.25 -34.27 9.29
CA ASP A 219 7.47 -35.59 9.88
C ASP A 219 7.52 -36.73 8.88
N ALA A 220 8.41 -37.68 9.12
CA ALA A 220 8.43 -38.85 8.26
C ALA A 220 8.59 -40.13 9.10
N GLU A 221 8.08 -41.25 8.59
CA GLU A 221 8.36 -42.53 9.22
C GLU A 221 8.76 -43.60 8.20
N ILE A 222 9.51 -44.59 8.68
CA ILE A 222 9.87 -45.67 7.78
C ILE A 222 8.73 -46.68 7.94
N ILE A 223 8.17 -47.08 6.81
CA ILE A 223 7.20 -48.14 6.73
C ILE A 223 7.75 -49.37 5.99
N LYS A 224 7.32 -50.54 6.48
CA LYS A 224 7.75 -51.85 5.96
C LYS A 224 6.51 -52.63 5.62
N ALA A 225 6.54 -53.24 4.45
CA ALA A 225 5.37 -53.95 3.98
C ALA A 225 5.91 -55.21 3.32
N GLY A 226 6.00 -56.29 4.08
CA GLY A 226 6.91 -57.39 3.71
C GLY A 226 8.34 -56.94 3.52
N ASN A 227 8.92 -57.22 2.36
CA ASN A 227 10.32 -56.88 2.12
C ASN A 227 10.52 -55.40 1.75
N VAL A 228 9.41 -54.71 1.43
CA VAL A 228 9.44 -53.28 1.11
C VAL A 228 9.67 -52.44 2.36
N ARG A 229 10.66 -51.57 2.26
CA ARG A 229 10.94 -50.52 3.23
C ARG A 229 10.75 -49.18 2.48
N ALA A 230 9.89 -48.28 3.00
CA ALA A 230 9.43 -47.05 2.27
C ALA A 230 9.51 -45.85 3.19
N LEU A 231 9.56 -44.63 2.66
CA LEU A 231 9.48 -43.46 3.56
C LEU A 231 8.06 -42.87 3.42
N ALA A 232 7.36 -42.74 4.53
CA ALA A 232 6.04 -42.10 4.50
C ALA A 232 6.20 -40.73 5.09
N VAL A 233 6.08 -39.70 4.24
CA VAL A 233 6.26 -38.32 4.67
C VAL A 233 4.89 -37.66 4.80
N GLU A 234 4.66 -37.02 5.93
CA GLU A 234 3.42 -36.34 6.16
C GLU A 234 3.29 -35.05 5.36
N ARG A 235 2.22 -34.95 4.57
CA ARG A 235 1.94 -33.76 3.76
C ARG A 235 1.59 -32.49 4.55
N PHE A 236 2.36 -31.42 4.33
CA PHE A 236 2.09 -30.08 4.82
C PHE A 236 1.18 -29.27 3.87
N ASP A 237 0.88 -29.80 2.68
CA ASP A 237 -0.22 -29.21 1.88
C ASP A 237 -1.57 -29.87 2.05
N ARG A 238 -1.79 -30.47 3.23
CA ARG A 238 -3.08 -31.07 3.54
C ARG A 238 -3.37 -30.69 4.99
N ARG A 239 -4.65 -30.48 5.31
CA ARG A 239 -5.04 -30.19 6.67
C ARG A 239 -6.50 -30.36 7.01
N TRP A 240 -6.78 -30.98 8.16
CA TRP A 240 -8.10 -30.96 8.80
C TRP A 240 -8.69 -29.56 8.99
N ASN A 241 -9.89 -29.27 8.49
CA ASN A 241 -10.65 -28.08 8.92
C ASN A 241 -10.94 -28.00 10.44
N ALA A 242 -11.52 -26.92 10.90
CA ALA A 242 -11.78 -26.79 12.35
C ALA A 242 -12.46 -28.01 12.95
N GLU A 243 -13.63 -28.33 12.43
CA GLU A 243 -14.41 -29.40 12.97
C GLU A 243 -13.88 -30.76 12.60
N ARG A 244 -12.59 -30.83 12.36
CA ARG A 244 -11.99 -32.04 11.82
C ARG A 244 -12.99 -32.88 11.03
N THR A 245 -13.75 -32.22 10.18
CA THR A 245 -14.69 -32.90 9.30
C THR A 245 -14.33 -32.95 7.83
N VAL A 246 -13.46 -32.05 7.37
CA VAL A 246 -12.99 -32.10 5.98
C VAL A 246 -11.45 -32.03 5.94
N LEU A 247 -10.84 -32.91 5.13
CA LEU A 247 -9.46 -32.77 4.66
C LEU A 247 -9.29 -31.73 3.54
N LEU A 248 -8.74 -30.58 3.92
CA LEU A 248 -8.46 -29.46 3.04
C LEU A 248 -7.09 -29.70 2.35
N ARG A 249 -7.00 -29.30 1.08
CA ARG A 249 -5.75 -29.13 0.38
C ARG A 249 -5.31 -27.67 0.54
N LEU A 250 -4.02 -27.42 0.82
CA LEU A 250 -3.48 -26.06 0.88
C LEU A 250 -2.78 -25.65 -0.40
N PRO A 251 -3.21 -24.52 -1.00
CA PRO A 251 -2.53 -23.97 -2.17
C PRO A 251 -1.03 -23.76 -1.96
N GLN A 252 -0.24 -24.16 -2.95
CA GLN A 252 1.18 -24.29 -2.76
C GLN A 252 1.75 -24.42 -4.16
N GLU A 253 2.92 -23.87 -4.41
CA GLU A 253 3.64 -24.11 -5.62
C GLU A 253 5.14 -24.10 -5.41
N ASP A 254 5.88 -24.73 -6.31
CA ASP A 254 7.31 -24.70 -6.29
C ASP A 254 7.91 -23.50 -7.02
N MET A 255 9.19 -23.25 -6.84
CA MET A 255 9.76 -22.07 -7.42
C MET A 255 9.75 -22.17 -8.89
N CYS A 256 9.73 -23.37 -9.42
CA CYS A 256 9.70 -23.44 -10.88
C CYS A 256 8.36 -22.84 -11.36
N GLN A 257 7.28 -23.24 -10.72
CA GLN A 257 5.98 -22.67 -10.98
C GLN A 257 5.92 -21.18 -10.74
N THR A 258 6.50 -20.69 -9.65
CA THR A 258 6.33 -19.31 -9.24
C THR A 258 6.95 -18.39 -10.29
N PHE A 259 7.94 -18.91 -10.99
CA PHE A 259 8.74 -18.05 -11.86
C PHE A 259 8.38 -18.33 -13.33
N GLY A 260 7.41 -19.21 -13.54
CA GLY A 260 6.89 -19.52 -14.85
C GLY A 260 7.74 -20.41 -15.73
N LEU A 261 8.63 -21.17 -15.09
CA LEU A 261 9.70 -21.88 -15.76
C LEU A 261 9.45 -23.37 -15.78
N PRO A 262 10.02 -24.04 -16.79
CA PRO A 262 9.95 -25.51 -16.77
C PRO A 262 10.66 -26.11 -15.54
N SER A 263 10.33 -27.35 -15.21
CA SER A 263 11.19 -28.14 -14.35
C SER A 263 12.60 -28.21 -14.93
N SER A 264 12.69 -28.54 -16.21
CA SER A 264 13.90 -28.97 -16.91
C SER A 264 14.95 -27.92 -17.20
N VAL A 265 14.88 -26.81 -16.50
CA VAL A 265 15.95 -25.84 -16.41
C VAL A 265 16.32 -25.90 -14.93
N LYS A 266 15.48 -26.58 -14.14
CA LYS A 266 15.50 -26.49 -12.68
C LYS A 266 16.82 -26.07 -12.08
N TYR A 267 17.90 -26.61 -12.65
CA TYR A 267 19.24 -26.49 -12.08
C TYR A 267 19.89 -25.15 -12.35
N GLU A 268 20.53 -24.56 -11.36
CA GLU A 268 21.12 -23.23 -11.55
C GLU A 268 22.18 -23.25 -12.66
N SER A 269 22.82 -24.41 -12.83
CA SER A 269 23.54 -24.83 -14.04
C SER A 269 22.91 -24.58 -15.42
N ASP A 270 21.64 -24.93 -15.62
CA ASP A 270 21.02 -24.95 -16.95
C ASP A 270 20.20 -23.72 -17.34
N GLY A 271 20.47 -22.57 -16.74
CA GLY A 271 20.29 -22.34 -15.30
C GLY A 271 19.02 -21.72 -14.70
N GLY A 272 18.47 -22.40 -13.71
CA GLY A 272 17.32 -21.97 -12.90
C GLY A 272 17.61 -20.92 -11.86
N PRO A 273 16.57 -20.50 -11.10
CA PRO A 273 16.68 -19.52 -10.04
C PRO A 273 17.67 -20.00 -8.98
N GLY A 274 18.55 -19.11 -8.49
CA GLY A 274 19.44 -19.39 -7.36
C GLY A 274 19.10 -18.60 -6.11
N ILE A 275 20.09 -18.42 -5.24
CA ILE A 275 19.88 -17.78 -3.98
C ILE A 275 19.34 -16.35 -4.01
N ALA A 276 19.83 -15.59 -4.99
CA ALA A 276 19.62 -14.13 -5.10
C ALA A 276 18.19 -13.88 -5.60
N ARG A 277 17.86 -14.58 -6.67
CA ARG A 277 16.49 -14.53 -7.18
C ARG A 277 15.50 -14.95 -6.11
N ILE A 278 15.77 -16.09 -5.48
CA ILE A 278 14.88 -16.56 -4.42
C ILE A 278 14.82 -15.63 -3.24
N MET A 279 15.97 -15.08 -2.84
CA MET A 279 15.94 -14.27 -1.63
C MET A 279 15.21 -12.96 -1.94
N ALA A 280 15.31 -12.50 -3.19
CA ALA A 280 14.65 -11.23 -3.58
C ALA A 280 13.14 -11.43 -3.58
N PHE A 281 12.71 -12.60 -4.01
CA PHE A 281 11.31 -12.98 -3.98
C PHE A 281 10.77 -13.05 -2.56
N LEU A 282 11.58 -13.59 -1.67
CA LEU A 282 11.16 -13.73 -0.26
C LEU A 282 10.95 -12.45 0.53
N MET A 283 11.55 -11.34 0.08
CA MET A 283 11.27 -9.98 0.56
C MET A 283 9.79 -9.62 0.42
N GLY A 284 9.18 -10.18 -0.62
CA GLY A 284 7.75 -10.19 -0.79
C GLY A 284 6.90 -11.15 0.02
N SER A 285 7.51 -12.00 0.84
CA SER A 285 6.75 -12.99 1.63
C SER A 285 5.99 -12.32 2.76
N SER A 286 4.92 -12.94 3.22
CA SER A 286 4.23 -12.42 4.37
C SER A 286 5.03 -12.70 5.68
N GLU A 287 6.09 -13.52 5.57
CA GLU A 287 7.11 -13.65 6.64
C GLU A 287 8.50 -13.35 6.08
N ALA A 288 8.73 -12.18 5.46
CA ALA A 288 9.95 -11.97 4.73
C ALA A 288 11.21 -12.28 5.54
N LEU A 289 11.21 -11.89 6.80
CA LEU A 289 12.48 -11.85 7.53
C LEU A 289 12.83 -13.25 8.09
N LYS A 290 11.85 -13.87 8.72
CA LYS A 290 11.82 -15.28 9.06
C LYS A 290 12.16 -16.18 7.89
N ASP A 291 11.56 -15.93 6.73
CA ASP A 291 11.72 -16.77 5.54
C ASP A 291 13.09 -16.67 4.92
N ARG A 292 13.62 -15.46 4.89
CA ARG A 292 14.92 -15.15 4.33
C ARG A 292 16.03 -15.69 5.27
N TYR A 293 15.80 -15.53 6.55
CA TYR A 293 16.64 -16.13 7.57
C TYR A 293 16.76 -17.66 7.44
N ASP A 294 15.61 -18.35 7.51
CA ASP A 294 15.54 -19.81 7.34
C ASP A 294 16.06 -20.25 6.00
N PHE A 295 15.80 -19.48 4.97
CA PHE A 295 16.29 -19.92 3.66
C PHE A 295 17.82 -19.84 3.59
N MET A 296 18.41 -18.80 4.15
CA MET A 296 19.88 -18.71 4.27
C MET A 296 20.44 -19.78 5.23
N LYS A 297 19.87 -19.88 6.42
CA LYS A 297 20.12 -21.01 7.29
C LYS A 297 20.20 -22.36 6.58
N PHE A 298 19.31 -22.61 5.64
CA PHE A 298 19.20 -23.92 5.02
C PHE A 298 20.26 -24.08 3.92
N GLN A 299 20.82 -22.97 3.46
CA GLN A 299 21.99 -23.09 2.59
C GLN A 299 23.27 -23.61 3.28
N VAL A 300 23.50 -23.15 4.52
CA VAL A 300 24.57 -23.67 5.41
C VAL A 300 24.28 -25.15 5.73
N PHE A 301 23.05 -25.42 6.14
CA PHE A 301 22.60 -26.79 6.38
C PHE A 301 22.96 -27.76 5.26
N GLN A 302 22.59 -27.41 4.03
CA GLN A 302 22.83 -28.27 2.87
C GLN A 302 24.32 -28.42 2.57
N TRP A 303 25.11 -27.36 2.72
CA TRP A 303 26.56 -27.49 2.66
C TRP A 303 27.00 -28.49 3.75
N LEU A 304 26.62 -28.29 5.01
CA LEU A 304 26.91 -29.24 6.09
C LEU A 304 26.56 -30.71 5.86
N ILE A 305 25.36 -31.00 5.35
CA ILE A 305 24.99 -32.38 5.06
C ILE A 305 25.32 -32.90 3.70
N GLY A 306 26.04 -32.12 2.92
CA GLY A 306 26.41 -32.64 1.59
C GLY A 306 25.22 -32.83 0.66
N ALA A 307 24.13 -32.06 0.86
CA ALA A 307 23.00 -31.96 -0.11
C ALA A 307 23.35 -31.22 -1.39
N THR A 308 23.58 -31.97 -2.45
CA THR A 308 24.03 -31.37 -3.70
C THR A 308 22.86 -31.11 -4.68
N ASP A 309 21.63 -31.43 -4.26
CA ASP A 309 20.46 -31.39 -5.10
C ASP A 309 19.38 -30.38 -4.66
N GLY A 310 19.77 -29.34 -3.93
CA GLY A 310 18.76 -28.36 -3.55
C GLY A 310 18.49 -27.37 -4.69
N HIS A 311 17.94 -27.91 -5.78
CA HIS A 311 17.41 -27.11 -6.91
C HIS A 311 16.08 -26.36 -6.64
N ALA A 312 15.70 -25.48 -7.55
CA ALA A 312 14.61 -24.47 -7.35
C ALA A 312 13.31 -25.19 -7.13
N LYS A 313 13.15 -26.34 -7.77
CA LYS A 313 12.00 -27.22 -7.59
C LYS A 313 11.79 -27.79 -6.19
N ASN A 314 12.89 -27.80 -5.41
CA ASN A 314 12.93 -28.18 -4.01
C ASN A 314 12.47 -27.17 -3.01
N PHE A 315 12.08 -25.99 -3.49
CA PHE A 315 11.45 -25.01 -2.59
C PHE A 315 10.08 -24.59 -3.09
N SER A 316 9.22 -24.26 -2.12
CA SER A 316 7.79 -24.04 -2.39
C SER A 316 7.35 -22.95 -1.46
N VAL A 317 6.23 -22.33 -1.82
CA VAL A 317 5.59 -21.28 -1.02
C VAL A 317 4.13 -21.70 -1.00
N PHE A 318 3.49 -21.59 0.16
CA PHE A 318 2.02 -21.48 0.30
C PHE A 318 1.50 -20.17 -0.30
N ILE A 319 0.39 -20.23 -1.03
CA ILE A 319 -0.28 -19.07 -1.65
C ILE A 319 -1.50 -18.83 -0.81
N GLN A 320 -1.66 -17.62 -0.28
CA GLN A 320 -2.71 -17.43 0.74
C GLN A 320 -3.74 -16.56 0.06
N ALA A 321 -4.91 -16.35 0.67
CA ALA A 321 -5.90 -15.42 0.11
C ALA A 321 -5.32 -14.08 -0.29
N GLY A 322 -5.54 -13.67 -1.54
CA GLY A 322 -5.09 -12.35 -1.95
C GLY A 322 -3.79 -12.45 -2.72
N GLY A 323 -3.20 -13.64 -2.78
CA GLY A 323 -1.92 -13.82 -3.47
C GLY A 323 -0.66 -13.47 -2.68
N SER A 324 -0.75 -13.29 -1.37
CA SER A 324 0.47 -13.34 -0.60
C SER A 324 0.90 -14.79 -0.37
N TYR A 325 2.09 -14.94 0.17
CA TYR A 325 2.75 -16.22 0.14
C TYR A 325 3.83 -16.24 1.20
N ARG A 326 4.16 -17.45 1.63
CA ARG A 326 5.39 -17.66 2.36
C ARG A 326 5.88 -19.13 2.24
N LEU A 327 7.14 -19.36 2.58
CA LEU A 327 7.85 -20.64 2.36
C LEU A 327 7.06 -21.74 3.03
N THR A 328 6.92 -22.88 2.36
CA THR A 328 6.48 -24.12 3.04
C THR A 328 7.68 -24.66 3.86
N PRO A 329 7.48 -25.73 4.69
CA PRO A 329 8.66 -26.47 5.20
C PRO A 329 9.55 -26.95 4.05
N PHE A 330 10.79 -27.25 4.35
CA PHE A 330 11.73 -27.78 3.36
C PHE A 330 11.49 -29.30 3.28
N TYR A 331 11.80 -29.96 2.15
CA TYR A 331 11.41 -31.37 1.97
C TYR A 331 12.38 -31.96 0.94
N ASP A 332 12.29 -33.26 0.69
CA ASP A 332 13.19 -33.85 -0.29
C ASP A 332 14.68 -33.65 -0.01
N ILE A 333 15.11 -33.95 1.22
CA ILE A 333 16.45 -33.67 1.71
C ILE A 333 17.25 -34.99 1.70
N ILE A 334 18.34 -34.99 0.94
CA ILE A 334 19.16 -36.15 0.73
C ILE A 334 20.65 -35.73 0.74
N SER A 335 21.45 -36.42 1.56
CA SER A 335 22.91 -36.26 1.63
C SER A 335 23.59 -37.04 0.54
N ALA A 336 24.59 -36.45 -0.13
CA ALA A 336 25.41 -37.27 -1.02
C ALA A 336 26.60 -37.99 -0.33
N PHE A 337 26.79 -37.75 0.97
CA PHE A 337 27.90 -38.33 1.71
C PHE A 337 27.97 -39.87 1.69
N PRO A 338 26.87 -40.58 1.68
CA PRO A 338 26.95 -42.02 1.62
C PRO A 338 27.45 -42.59 0.31
N VAL A 339 27.71 -41.79 -0.69
CA VAL A 339 28.24 -42.32 -1.93
C VAL A 339 29.74 -42.30 -2.00
N LEU A 340 30.35 -41.49 -1.16
CA LEU A 340 31.77 -41.29 -1.22
C LEU A 340 32.60 -42.52 -0.87
N GLY A 341 33.74 -42.67 -1.53
CA GLY A 341 34.73 -43.70 -1.14
C GLY A 341 34.84 -44.82 -2.16
N GLY A 342 33.90 -45.77 -2.14
CA GLY A 342 34.08 -47.08 -2.78
C GLY A 342 34.09 -47.15 -4.29
N THR A 343 33.66 -46.10 -4.99
CA THR A 343 33.75 -45.99 -6.48
C THR A 343 34.51 -44.72 -6.88
N GLY A 344 35.22 -44.14 -5.91
CA GLY A 344 36.24 -43.17 -6.29
C GLY A 344 35.76 -41.73 -6.25
N ILE A 345 34.63 -41.45 -5.60
CA ILE A 345 34.08 -40.10 -5.51
C ILE A 345 34.45 -39.65 -4.11
N HIS A 346 34.92 -38.43 -3.95
CA HIS A 346 35.27 -37.90 -2.62
C HIS A 346 34.66 -36.52 -2.47
N ILE A 347 34.83 -35.90 -1.30
CA ILE A 347 34.03 -34.76 -0.95
C ILE A 347 34.41 -33.59 -1.87
N SER A 348 35.62 -33.68 -2.42
CA SER A 348 36.15 -32.78 -3.44
C SER A 348 35.32 -32.75 -4.73
N ASP A 349 34.48 -33.75 -4.94
CA ASP A 349 33.64 -33.87 -6.12
C ASP A 349 32.21 -33.29 -5.97
N LEU A 350 31.81 -33.01 -4.73
CA LEU A 350 30.46 -32.57 -4.40
C LEU A 350 30.20 -31.05 -4.58
N LYS A 351 29.20 -30.72 -5.40
CA LYS A 351 28.81 -29.33 -5.62
C LYS A 351 27.43 -28.98 -5.03
N LEU A 352 27.32 -27.86 -4.34
CA LEU A 352 26.01 -27.23 -4.13
C LEU A 352 25.17 -27.01 -5.42
N ALA A 353 23.87 -27.28 -5.36
CA ALA A 353 22.97 -26.90 -6.50
C ALA A 353 22.87 -25.39 -6.77
N MET A 354 22.83 -24.58 -5.72
CA MET A 354 22.92 -23.14 -5.86
C MET A 354 24.23 -22.56 -5.30
N GLY A 355 25.04 -21.99 -6.19
CA GLY A 355 26.31 -21.36 -5.84
C GLY A 355 26.26 -20.18 -4.90
N LEU A 356 27.22 -20.06 -3.98
CA LEU A 356 27.43 -18.81 -3.24
C LEU A 356 28.26 -17.77 -3.98
N ASN A 357 28.22 -16.54 -3.50
CA ASN A 357 29.26 -15.58 -3.89
C ASN A 357 30.66 -15.83 -3.30
N ALA A 358 31.66 -15.76 -4.18
CA ALA A 358 32.98 -16.37 -3.95
C ALA A 358 34.08 -15.35 -3.63
N SER A 359 35.18 -15.43 -4.38
CA SER A 359 36.01 -14.26 -4.74
C SER A 359 35.48 -13.57 -5.99
N LYS A 360 35.57 -14.23 -7.14
CA LYS A 360 35.07 -13.67 -8.40
C LYS A 360 34.30 -14.68 -9.28
N GLY A 361 32.97 -14.57 -9.32
CA GLY A 361 32.09 -15.69 -9.63
C GLY A 361 31.51 -16.45 -8.44
N LYS A 362 30.77 -17.52 -8.70
CA LYS A 362 30.07 -18.25 -7.65
C LYS A 362 30.81 -19.47 -7.14
N LYS A 363 30.70 -19.73 -5.85
CA LYS A 363 31.34 -20.87 -5.24
C LYS A 363 30.36 -22.02 -5.00
N THR A 364 30.59 -23.14 -5.69
CA THR A 364 29.75 -24.30 -5.56
C THR A 364 30.39 -25.53 -4.94
N ALA A 365 31.69 -25.55 -4.78
CA ALA A 365 32.39 -26.72 -4.24
C ALA A 365 32.31 -26.78 -2.72
N ILE A 366 31.80 -27.90 -2.22
CA ILE A 366 31.45 -27.98 -0.81
C ILE A 366 32.73 -28.03 0.05
N ASP A 367 33.73 -28.75 -0.46
CA ASP A 367 35.08 -28.81 0.10
C ASP A 367 35.85 -27.47 0.20
N LYS A 368 35.53 -26.53 -0.67
CA LYS A 368 36.18 -25.24 -0.78
C LYS A 368 35.45 -24.11 -0.07
N ILE A 369 34.33 -24.42 0.58
CA ILE A 369 33.44 -23.37 1.04
C ILE A 369 33.65 -23.19 2.52
N TYR A 370 33.64 -21.94 2.99
CA TYR A 370 34.04 -21.63 4.34
C TYR A 370 33.12 -20.52 4.82
N PRO A 371 33.04 -20.31 6.14
CA PRO A 371 32.23 -19.20 6.59
C PRO A 371 32.39 -17.93 5.75
N ARG A 372 33.60 -17.64 5.30
CA ARG A 372 33.83 -16.46 4.49
C ARG A 372 32.93 -16.29 3.24
N HIS A 373 32.65 -17.37 2.52
CA HIS A 373 31.70 -17.31 1.42
C HIS A 373 30.24 -17.01 1.81
N PHE A 374 29.79 -17.57 2.92
CA PHE A 374 28.45 -17.28 3.35
C PHE A 374 28.30 -15.80 3.65
N LEU A 375 29.33 -15.18 4.22
CA LEU A 375 29.23 -13.80 4.68
C LEU A 375 29.27 -12.80 3.53
N ALA A 376 30.05 -13.14 2.51
CA ALA A 376 30.17 -12.40 1.25
C ALA A 376 28.89 -12.50 0.42
N THR A 377 28.19 -13.62 0.62
CA THR A 377 26.91 -13.85 -0.03
C THR A 377 25.86 -13.03 0.69
N ALA A 378 25.86 -13.00 2.02
CA ALA A 378 24.90 -12.26 2.84
C ALA A 378 24.82 -10.78 2.46
N LYS A 379 25.90 -10.29 1.88
CA LYS A 379 26.20 -8.89 1.82
C LYS A 379 25.86 -8.46 0.37
N VAL A 380 26.36 -9.18 -0.62
CA VAL A 380 25.72 -9.13 -1.92
C VAL A 380 24.18 -9.03 -1.84
N LEU A 381 23.56 -9.75 -0.89
CA LEU A 381 22.12 -10.01 -0.96
C LEU A 381 21.42 -9.07 -0.01
N ARG A 382 22.19 -8.40 0.83
CA ARG A 382 21.66 -7.40 1.73
C ARG A 382 20.95 -8.14 2.83
N PHE A 383 21.40 -9.37 3.07
CA PHE A 383 20.98 -10.14 4.25
C PHE A 383 21.87 -9.71 5.42
N PRO A 384 21.31 -9.31 6.55
CA PRO A 384 22.09 -8.76 7.66
C PRO A 384 23.24 -9.59 8.19
N GLU A 385 24.43 -9.04 8.14
CA GLU A 385 25.62 -9.67 8.65
C GLU A 385 25.48 -10.27 10.03
N VAL A 386 24.80 -9.60 10.96
CA VAL A 386 24.65 -10.08 12.31
C VAL A 386 23.85 -11.37 12.38
N GLN A 387 23.05 -11.60 11.36
CA GLN A 387 22.13 -12.73 11.27
C GLN A 387 22.86 -13.95 10.71
N MET A 388 23.64 -13.75 9.65
CA MET A 388 24.58 -14.73 9.11
C MET A 388 25.70 -15.22 10.07
N HIS A 389 26.25 -14.34 10.90
CA HIS A 389 27.07 -14.78 12.03
C HIS A 389 26.25 -15.61 12.99
N GLU A 390 25.00 -15.21 13.20
CA GLU A 390 24.22 -15.92 14.17
C GLU A 390 23.82 -17.32 13.73
N ILE A 391 23.63 -17.47 12.43
CA ILE A 391 23.44 -18.77 11.77
C ILE A 391 24.74 -19.59 11.85
N LEU A 392 25.85 -19.08 11.32
CA LEU A 392 27.11 -19.84 11.36
C LEU A 392 27.54 -20.26 12.78
N SER A 393 27.19 -19.47 13.78
CA SER A 393 27.54 -19.73 15.18
C SER A 393 26.65 -20.72 15.95
N ASP A 394 25.37 -20.76 15.61
CA ASP A 394 24.43 -21.73 16.19
C ASP A 394 24.69 -23.16 15.71
N PHE A 395 25.13 -23.28 14.47
CA PHE A 395 25.61 -24.54 13.94
C PHE A 395 26.95 -25.01 14.58
N ALA A 396 27.98 -24.16 14.57
CA ALA A 396 29.16 -24.29 15.47
C ALA A 396 28.82 -24.88 16.85
N ARG A 397 27.94 -24.24 17.59
CA ARG A 397 27.52 -24.73 18.88
C ARG A 397 26.67 -25.97 18.94
N MET A 398 25.79 -26.19 17.98
CA MET A 398 24.80 -27.24 18.12
C MET A 398 25.06 -28.53 17.38
N ILE A 399 25.83 -28.47 16.31
CA ILE A 399 25.98 -29.59 15.41
C ILE A 399 26.45 -30.88 16.01
N PRO A 400 27.50 -30.87 16.83
CA PRO A 400 27.87 -32.16 17.44
C PRO A 400 26.86 -32.83 18.33
N ALA A 401 26.27 -32.11 19.29
CA ALA A 401 25.11 -32.63 20.00
C ALA A 401 23.87 -33.02 19.13
N ALA A 402 23.57 -32.28 18.06
CA ALA A 402 22.39 -32.61 17.21
C ALA A 402 22.62 -33.95 16.56
N LEU A 403 23.86 -34.16 16.11
CA LEU A 403 24.17 -35.45 15.51
C LEU A 403 23.94 -36.62 16.42
N ASP A 404 24.29 -36.41 17.70
CA ASP A 404 24.21 -37.50 18.70
C ASP A 404 22.80 -37.85 19.13
N ASN A 405 22.03 -36.81 19.48
CA ASN A 405 20.57 -36.87 19.60
C ASN A 405 19.86 -37.64 18.49
N VAL A 406 20.30 -37.38 17.25
CA VAL A 406 19.65 -37.96 16.08
C VAL A 406 20.00 -39.42 16.07
N LYS A 407 21.30 -39.71 16.12
CA LYS A 407 21.77 -41.09 16.16
C LYS A 407 21.04 -41.92 17.23
N THR A 408 20.81 -41.34 18.39
CA THR A 408 20.18 -42.07 19.51
C THR A 408 18.72 -42.35 19.19
N SER A 409 18.03 -41.44 18.52
CA SER A 409 16.62 -41.65 18.13
C SER A 409 16.37 -42.62 16.97
N LEU A 410 17.42 -43.22 16.38
CA LEU A 410 17.31 -43.98 15.15
C LEU A 410 16.86 -45.39 15.48
N PRO A 411 16.07 -46.00 14.63
CA PRO A 411 15.59 -47.33 14.92
C PRO A 411 16.74 -48.27 14.95
N THR A 412 16.57 -49.38 15.61
CA THR A 412 17.64 -50.31 15.84
C THR A 412 18.24 -50.85 14.56
N ASP A 413 17.43 -51.04 13.55
CA ASP A 413 17.93 -51.54 12.30
C ASP A 413 18.46 -50.51 11.33
N PHE A 414 18.74 -49.30 11.75
CA PHE A 414 19.12 -48.30 10.76
C PHE A 414 20.54 -48.60 10.23
N PRO A 415 20.77 -48.56 8.90
CA PRO A 415 22.10 -48.83 8.31
C PRO A 415 23.22 -47.92 8.81
N GLU A 416 24.26 -48.53 9.38
CA GLU A 416 25.38 -47.83 9.98
C GLU A 416 26.17 -47.04 8.94
N ASN A 417 26.21 -47.55 7.71
CA ASN A 417 26.96 -46.92 6.65
C ASN A 417 26.48 -45.49 6.25
N VAL A 418 25.17 -45.28 6.36
CA VAL A 418 24.50 -43.99 6.19
C VAL A 418 24.77 -43.06 7.37
N VAL A 419 24.51 -43.52 8.60
CA VAL A 419 24.81 -42.65 9.74
C VAL A 419 26.27 -42.19 9.73
N THR A 420 27.21 -43.14 9.64
CA THR A 420 28.66 -42.82 9.69
C THR A 420 29.10 -41.86 8.58
N ALA A 421 28.72 -42.20 7.35
CA ALA A 421 29.11 -41.40 6.21
C ALA A 421 28.61 -39.98 6.42
N VAL A 422 27.36 -39.84 6.85
CA VAL A 422 26.84 -38.49 7.04
C VAL A 422 27.45 -37.81 8.25
N GLU A 423 27.30 -38.36 9.45
CA GLU A 423 28.00 -37.76 10.63
C GLU A 423 29.45 -37.33 10.52
N SER A 424 30.29 -38.17 9.91
CA SER A 424 31.75 -37.91 9.94
C SER A 424 32.09 -36.80 9.00
N ASN A 425 31.36 -36.75 7.90
CA ASN A 425 31.52 -35.66 6.96
C ASN A 425 30.90 -34.40 7.51
N VAL A 426 29.77 -34.49 8.20
CA VAL A 426 29.22 -33.30 8.82
C VAL A 426 30.25 -32.76 9.83
N LEU A 427 30.71 -33.64 10.69
CA LEU A 427 31.46 -33.24 11.82
C LEU A 427 32.68 -32.52 11.36
N ARG A 428 33.20 -32.92 10.22
CA ARG A 428 34.39 -32.35 9.68
C ARG A 428 34.22 -31.03 8.97
N LEU A 429 33.10 -30.80 8.34
CA LEU A 429 32.84 -29.48 7.82
C LEU A 429 32.51 -28.62 9.01
N HIS A 430 31.85 -29.16 10.00
CA HIS A 430 31.62 -28.35 11.17
C HIS A 430 32.91 -27.69 11.73
N GLY A 431 34.02 -28.42 11.62
CA GLY A 431 35.30 -27.96 12.13
C GLY A 431 35.69 -26.62 11.55
N ARG A 432 35.34 -26.35 10.30
CA ARG A 432 35.41 -24.96 9.81
C ARG A 432 34.65 -23.90 10.56
N LEU A 433 33.65 -24.27 11.33
CA LEU A 433 32.86 -23.29 12.04
C LEU A 433 33.34 -23.03 13.44
N SER A 434 33.44 -24.07 14.23
CA SER A 434 33.88 -23.92 15.58
C SER A 434 35.31 -23.40 15.60
N ARG A 435 36.05 -23.58 14.53
CA ARG A 435 37.31 -22.87 14.39
C ARG A 435 37.07 -21.38 14.59
N GLU A 436 36.18 -20.78 13.80
CA GLU A 436 35.75 -19.36 14.00
C GLU A 436 34.69 -18.98 15.04
N TYR A 437 33.95 -19.95 15.58
CA TYR A 437 32.77 -19.68 16.42
C TYR A 437 32.81 -20.75 17.52
N LYS B 6 -4.28 -8.28 2.41
CA LYS B 6 -2.84 -8.00 2.82
C LYS B 6 -1.70 -8.18 1.84
N ILE B 7 -0.90 -7.13 1.66
CA ILE B 7 -0.10 -6.97 0.45
C ILE B 7 1.34 -6.62 0.86
N TYR B 8 2.34 -7.17 0.18
CA TYR B 8 3.67 -7.25 0.77
C TYR B 8 4.76 -7.03 -0.25
N SER B 9 4.41 -6.95 -1.53
CA SER B 9 5.39 -6.52 -2.54
C SER B 9 4.81 -5.59 -3.63
N PRO B 10 5.66 -4.84 -4.32
CA PRO B 10 5.15 -4.12 -5.48
C PRO B 10 4.38 -5.00 -6.48
N THR B 11 4.90 -6.18 -6.80
CA THR B 11 4.19 -7.09 -7.68
C THR B 11 2.77 -7.50 -7.25
N GLN B 12 2.59 -7.78 -5.97
CA GLN B 12 1.27 -8.20 -5.53
C GLN B 12 0.31 -7.02 -5.56
N LEU B 13 0.87 -5.81 -5.42
CA LEU B 13 0.11 -4.58 -5.42
C LEU B 13 -0.40 -4.23 -6.84
N ALA B 14 0.51 -4.20 -7.80
CA ALA B 14 0.24 -4.03 -9.19
C ALA B 14 -0.79 -5.03 -9.71
N ASN B 15 -0.64 -6.29 -9.34
CA ASN B 15 -1.66 -7.25 -9.75
C ASN B 15 -3.03 -6.92 -9.22
N ALA B 16 -3.16 -6.46 -7.98
CA ALA B 16 -4.49 -6.33 -7.44
C ALA B 16 -5.11 -5.07 -8.09
N MET B 17 -4.27 -4.14 -8.47
CA MET B 17 -4.68 -2.88 -9.02
C MET B 17 -5.04 -3.03 -10.47
N LYS B 18 -4.28 -3.82 -11.19
CA LYS B 18 -4.65 -4.20 -12.52
C LYS B 18 -6.01 -4.84 -12.56
N LEU B 19 -6.31 -5.78 -11.67
CA LEU B 19 -7.59 -6.44 -11.66
C LEU B 19 -8.72 -5.51 -11.26
N VAL B 20 -8.42 -4.46 -10.55
CA VAL B 20 -9.47 -3.49 -10.23
C VAL B 20 -9.76 -2.63 -11.47
N ARG B 21 -8.71 -2.26 -12.19
CA ARG B 21 -8.80 -1.62 -13.48
C ARG B 21 -9.72 -2.38 -14.43
N GLN B 22 -9.47 -3.67 -14.58
CA GLN B 22 -10.25 -4.58 -15.41
C GLN B 22 -11.69 -4.85 -14.99
N GLN B 23 -11.91 -5.20 -13.72
CA GLN B 23 -13.26 -5.26 -13.16
C GLN B 23 -14.06 -3.99 -13.46
N ASN B 24 -13.36 -2.88 -13.64
CA ASN B 24 -14.01 -1.59 -13.85
C ASN B 24 -14.34 -1.30 -15.32
N GLY B 25 -14.10 -2.30 -16.18
CA GLY B 25 -13.85 -2.06 -17.58
C GLY B 25 -13.01 -0.90 -18.09
N TRP B 26 -12.03 -0.39 -17.35
CA TRP B 26 -11.18 0.66 -17.92
C TRP B 26 -10.01 0.04 -18.66
N THR B 27 -9.40 0.82 -19.53
CA THR B 27 -8.25 0.37 -20.31
C THR B 27 -7.09 1.15 -19.70
N GLN B 28 -5.85 0.80 -20.03
CA GLN B 28 -4.70 1.54 -19.50
C GLN B 28 -4.71 3.00 -19.97
N SER B 29 -5.44 3.26 -21.03
CA SER B 29 -5.49 4.60 -21.59
C SER B 29 -6.60 5.40 -20.98
N GLU B 30 -7.73 4.77 -20.84
CA GLU B 30 -8.81 5.40 -20.14
C GLU B 30 -8.30 5.88 -18.82
N LEU B 31 -7.43 5.10 -18.20
CA LEU B 31 -6.96 5.37 -16.86
C LEU B 31 -5.93 6.47 -16.82
N ALA B 32 -4.98 6.41 -17.71
CA ALA B 32 -3.97 7.47 -17.84
C ALA B 32 -4.55 8.81 -18.24
N LYS B 33 -5.60 8.75 -19.05
CA LYS B 33 -6.30 9.99 -19.42
C LYS B 33 -6.99 10.63 -18.21
N LYS B 34 -7.56 9.82 -17.32
CA LYS B 34 -8.41 10.29 -16.22
CA LYS B 34 -8.41 10.31 -16.22
C LYS B 34 -7.66 11.17 -15.22
N ILE B 35 -6.33 11.02 -15.17
CA ILE B 35 -5.53 11.66 -14.12
C ILE B 35 -4.40 12.42 -14.77
N GLY B 36 -4.24 12.22 -16.07
CA GLY B 36 -3.46 13.14 -16.88
C GLY B 36 -2.00 12.75 -16.98
N ILE B 37 -1.71 11.45 -16.98
CA ILE B 37 -0.32 11.02 -17.24
C ILE B 37 -0.30 10.11 -18.46
N LYS B 38 0.87 9.65 -18.87
CA LYS B 38 1.01 8.81 -20.07
C LYS B 38 0.59 7.33 -19.89
N GLN B 39 -0.08 6.79 -20.88
CA GLN B 39 -0.26 5.34 -20.98
C GLN B 39 0.97 4.51 -20.59
N ALA B 40 2.17 4.97 -20.97
CA ALA B 40 3.38 4.20 -20.74
C ALA B 40 3.73 4.09 -19.26
N THR B 41 3.15 4.97 -18.43
CA THR B 41 3.47 4.97 -17.01
C THR B 41 2.53 4.04 -16.27
N ILE B 42 1.31 3.89 -16.74
CA ILE B 42 0.40 2.92 -16.20
C ILE B 42 0.93 1.55 -16.53
N SER B 43 1.34 1.37 -17.76
CA SER B 43 1.83 0.09 -18.16
C SER B 43 3.21 -0.26 -17.60
N ASN B 44 4.07 0.69 -17.37
CA ASN B 44 5.26 0.41 -16.62
C ASN B 44 5.01 -0.08 -15.22
N PHE B 45 3.95 0.40 -14.61
CA PHE B 45 3.63 0.07 -13.24
C PHE B 45 3.04 -1.35 -13.22
N GLU B 46 2.21 -1.71 -14.19
CA GLU B 46 1.55 -2.99 -14.18
C GLU B 46 2.53 -4.16 -14.38
N ASN B 47 3.62 -3.87 -15.08
CA ASN B 47 4.49 -4.87 -15.65
C ASN B 47 5.78 -4.86 -14.88
N ASN B 48 6.30 -3.70 -14.52
CA ASN B 48 7.37 -3.70 -13.53
C ASN B 48 7.33 -2.61 -12.47
N PRO B 49 6.65 -2.90 -11.40
CA PRO B 49 6.28 -1.94 -10.38
C PRO B 49 7.35 -1.60 -9.37
N ASP B 50 8.42 -2.36 -9.25
CA ASP B 50 9.37 -2.14 -8.20
C ASP B 50 9.87 -0.73 -8.22
N ASN B 51 10.10 -0.21 -9.39
CA ASN B 51 10.74 1.09 -9.53
C ASN B 51 9.79 2.29 -9.62
N THR B 52 8.49 2.04 -9.81
CA THR B 52 7.42 3.02 -9.61
C THR B 52 7.55 3.85 -8.34
N THR B 53 7.43 5.17 -8.44
CA THR B 53 7.65 6.02 -7.27
C THR B 53 6.35 6.05 -6.46
N LEU B 54 6.38 6.54 -5.25
CA LEU B 54 5.17 6.60 -4.49
C LEU B 54 4.16 7.60 -5.01
N THR B 55 4.64 8.65 -5.61
CA THR B 55 3.79 9.68 -6.09
C THR B 55 2.97 9.22 -7.28
N THR B 56 3.56 8.42 -8.15
CA THR B 56 2.86 7.84 -9.28
C THR B 56 1.80 6.84 -8.87
N PHE B 57 2.18 5.97 -7.96
CA PHE B 57 1.32 4.96 -7.40
C PHE B 57 0.05 5.59 -6.87
N PHE B 58 0.20 6.64 -6.06
CA PHE B 58 -0.99 7.30 -5.51
C PHE B 58 -1.89 8.00 -6.56
N LYS B 59 -1.30 8.42 -7.67
CA LYS B 59 -2.07 8.99 -8.79
C LYS B 59 -2.88 7.87 -9.40
N ILE B 60 -2.22 6.74 -9.64
CA ILE B 60 -2.94 5.58 -10.15
C ILE B 60 -4.07 5.13 -9.24
N LEU B 61 -3.78 5.15 -7.96
CA LEU B 61 -4.74 4.77 -6.93
C LEU B 61 -5.96 5.71 -6.84
N GLN B 62 -5.73 7.00 -7.03
CA GLN B 62 -6.82 7.97 -6.94
C GLN B 62 -7.75 7.74 -8.14
N SER B 63 -7.16 7.57 -9.31
CA SER B 63 -7.95 7.36 -10.47
C SER B 63 -8.68 6.00 -10.50
N LEU B 64 -8.23 5.04 -9.71
CA LEU B 64 -8.95 3.79 -9.60
C LEU B 64 -10.01 3.90 -8.57
N GLU B 65 -10.05 5.02 -7.88
CA GLU B 65 -11.08 5.23 -6.89
C GLU B 65 -10.84 4.44 -5.63
N LEU B 66 -9.59 4.27 -5.27
CA LEU B 66 -9.17 3.50 -4.12
C LEU B 66 -8.38 4.36 -3.17
N SER B 67 -8.30 3.98 -1.92
CA SER B 67 -7.21 4.44 -1.05
C SER B 67 -6.60 3.13 -0.55
N MET B 68 -5.74 3.26 0.43
CA MET B 68 -4.97 2.19 0.95
C MET B 68 -4.95 2.38 2.43
N THR B 69 -4.62 1.33 3.16
CA THR B 69 -4.40 1.46 4.57
C THR B 69 -3.19 0.65 5.01
N LEU B 70 -2.76 0.83 6.25
CA LEU B 70 -1.68 0.05 6.80
C LEU B 70 -2.21 -1.00 7.74
N CYS B 71 -1.58 -2.16 7.76
CA CYS B 71 -2.06 -3.25 8.66
C CYS B 71 -0.92 -3.75 9.54
N ASP B 72 -1.27 -4.32 10.70
CA ASP B 72 -0.57 -5.49 11.26
C ASP B 72 -0.86 -6.84 10.60
N ASN B 85 -13.46 -15.47 8.47
CA ASN B 85 -12.09 -15.94 8.62
C ASN B 85 -11.81 -17.22 7.83
N LEU B 86 -10.97 -17.14 6.80
CA LEU B 86 -10.86 -18.20 5.79
C LEU B 86 -10.34 -19.53 6.32
N GLU B 87 -10.83 -20.64 5.82
CA GLU B 87 -10.27 -21.93 6.27
C GLU B 87 -8.92 -22.35 5.62
N TRP B 88 -8.53 -21.69 4.53
CA TRP B 88 -7.38 -22.12 3.76
C TRP B 88 -7.02 -20.96 2.82
N PRO C 2 6.33 29.18 29.41
CA PRO C 2 5.10 28.58 29.97
C PRO C 2 4.31 27.79 28.93
N LYS C 3 3.17 27.25 29.33
CA LYS C 3 2.48 26.26 28.51
C LYS C 3 1.02 26.67 28.31
N LEU C 4 0.50 26.38 27.12
CA LEU C 4 -0.93 26.44 26.82
C LEU C 4 -1.40 25.00 26.47
N VAL C 5 -2.40 24.50 27.16
CA VAL C 5 -2.94 23.17 26.86
C VAL C 5 -3.83 23.37 25.63
N THR C 6 -3.58 22.57 24.60
CA THR C 6 -4.36 22.60 23.37
C THR C 6 -5.44 21.52 23.26
N TRP C 7 -6.68 21.99 23.20
CA TRP C 7 -7.86 21.19 23.10
C TRP C 7 -8.51 21.31 21.73
N MET C 8 -9.20 20.28 21.30
CA MET C 8 -10.06 20.32 20.14
C MET C 8 -11.36 19.72 20.52
N ASN C 9 -12.37 20.54 20.71
CA ASN C 9 -13.66 20.05 21.11
C ASN C 9 -13.65 19.30 22.43
N ASN C 10 -13.06 19.88 23.45
CA ASN C 10 -13.04 19.21 24.73
C ASN C 10 -12.32 17.87 24.69
N GLN C 11 -11.52 17.65 23.68
CA GLN C 11 -10.67 16.52 23.63
C GLN C 11 -9.22 17.06 23.64
N ARG C 12 -8.33 16.46 24.41
CA ARG C 12 -6.99 16.98 24.65
C ARG C 12 -5.95 16.59 23.64
N VAL C 13 -5.30 17.57 23.03
CA VAL C 13 -4.40 17.31 21.90
C VAL C 13 -2.93 17.33 22.32
N GLY C 14 -2.54 18.28 23.14
CA GLY C 14 -1.12 18.32 23.52
C GLY C 14 -0.82 19.63 24.16
N GLU C 15 0.42 20.07 24.07
CA GLU C 15 0.69 21.31 24.78
C GLU C 15 1.62 22.21 24.00
N LEU C 16 1.34 23.52 24.06
CA LEU C 16 2.26 24.49 23.45
C LEU C 16 3.09 25.13 24.55
N THR C 17 4.40 25.08 24.40
CA THR C 17 5.34 25.69 25.35
C THR C 17 6.00 26.92 24.71
N LYS C 18 6.06 28.03 25.43
CA LYS C 18 6.99 29.14 25.10
C LYS C 18 8.16 29.01 26.07
N LEU C 19 9.32 28.72 25.54
CA LEU C 19 10.55 28.61 26.30
C LEU C 19 11.10 29.98 26.73
N ALA C 20 12.31 29.97 27.33
CA ALA C 20 12.84 31.11 28.06
C ALA C 20 13.28 32.18 27.08
N ASN C 21 13.85 31.73 25.95
CA ASN C 21 14.27 32.60 24.85
C ASN C 21 13.14 32.88 23.84
N GLY C 22 11.91 32.60 24.22
CA GLY C 22 10.75 32.84 23.40
C GLY C 22 10.40 31.81 22.37
N ALA C 23 11.26 30.83 22.13
CA ALA C 23 10.93 29.75 21.23
C ALA C 23 9.68 28.95 21.59
N HIS C 24 8.87 28.65 20.59
CA HIS C 24 7.62 27.94 20.70
C HIS C 24 7.82 26.51 20.35
N THR C 25 7.28 25.59 21.12
CA THR C 25 7.53 24.17 20.79
C THR C 25 6.20 23.51 21.07
N PHE C 26 5.97 22.34 20.48
CA PHE C 26 4.66 21.71 20.74
C PHE C 26 4.87 20.19 20.94
N LYS C 27 4.03 19.57 21.76
CA LYS C 27 4.14 18.13 22.00
C LYS C 27 2.74 17.59 22.08
N TYR C 28 2.44 16.59 21.24
CA TYR C 28 1.16 15.85 21.37
C TYR C 28 1.02 15.03 22.68
N ALA C 29 -0.14 15.12 23.31
CA ALA C 29 -0.50 14.20 24.38
C ALA C 29 -0.48 12.77 23.87
N PRO C 30 0.00 11.84 24.70
CA PRO C 30 -0.14 10.46 24.24
C PRO C 30 -1.58 9.87 24.24
N GLU C 31 -2.52 10.39 25.02
CA GLU C 31 -3.91 10.03 24.85
C GLU C 31 -4.58 10.68 23.64
N TRP C 32 -3.91 11.65 23.01
CA TRP C 32 -4.34 12.13 21.70
C TRP C 32 -3.89 11.13 20.68
N LEU C 33 -2.64 10.71 20.72
CA LEU C 33 -2.08 9.96 19.59
C LEU C 33 -2.74 8.59 19.53
N ALA C 34 -3.62 8.36 20.49
CA ALA C 34 -4.30 7.12 20.64
C ALA C 34 -5.79 7.27 20.64
N SER C 35 -6.32 8.45 20.35
CA SER C 35 -7.75 8.50 20.27
C SER C 35 -8.13 8.11 18.89
N ARG C 36 -9.41 7.87 18.74
CA ARG C 36 -9.98 7.49 17.47
C ARG C 36 -10.10 8.77 16.66
N TYR C 37 -10.38 9.86 17.35
CA TYR C 37 -10.21 11.22 16.81
C TYR C 37 -8.85 11.65 16.28
N ALA C 38 -7.78 10.98 16.68
CA ALA C 38 -6.44 11.35 16.27
C ALA C 38 -6.22 11.94 14.86
N ARG C 39 -5.77 13.20 14.82
CA ARG C 39 -5.16 13.76 13.59
C ARG C 39 -4.13 14.85 13.91
N PRO C 40 -3.29 15.22 12.99
CA PRO C 40 -2.40 16.32 13.31
C PRO C 40 -3.15 17.62 13.44
N LEU C 41 -2.56 18.51 14.19
CA LEU C 41 -3.08 19.79 14.44
C LEU C 41 -3.00 20.57 13.17
N SER C 42 -1.95 20.30 12.43
CA SER C 42 -1.77 20.86 11.14
C SER C 42 -1.00 19.87 10.35
N LEU C 43 -1.22 19.81 9.06
CA LEU C 43 -0.36 18.96 8.22
C LEU C 43 1.09 19.37 8.24
N SER C 44 1.37 20.60 8.71
CA SER C 44 2.76 20.97 8.94
C SER C 44 3.38 20.45 10.26
N LEU C 45 2.56 19.94 11.17
CA LEU C 45 2.89 19.37 12.48
C LEU C 45 2.43 17.91 12.55
N PRO C 46 3.06 17.02 11.78
CA PRO C 46 2.66 15.61 11.75
C PRO C 46 2.58 15.02 13.16
N LEU C 47 1.57 14.17 13.43
CA LEU C 47 1.64 13.30 14.61
C LEU C 47 3.01 12.63 14.80
N GLN C 48 3.54 12.84 15.99
CA GLN C 48 4.86 12.38 16.32
C GLN C 48 5.02 12.44 17.81
N ARG C 49 6.16 12.00 18.30
CA ARG C 49 6.29 11.81 19.73
C ARG C 49 7.05 12.87 20.48
N GLY C 50 8.07 13.43 19.87
CA GLY C 50 8.82 14.42 20.59
C GLY C 50 8.14 15.75 20.83
N ASN C 51 8.85 16.60 21.52
CA ASN C 51 8.72 18.04 21.40
C ASN C 51 9.04 18.47 19.97
N ILE C 52 8.12 19.22 19.37
CA ILE C 52 8.39 19.74 18.03
C ILE C 52 8.87 21.19 18.17
N THR C 53 10.00 21.48 17.51
CA THR C 53 10.73 22.75 17.65
C THR C 53 10.90 23.52 16.31
N SER C 54 10.46 22.94 15.19
CA SER C 54 10.39 23.63 13.88
C SER C 54 9.75 25.03 13.85
N ASP C 55 10.10 25.88 12.88
CA ASP C 55 9.31 27.13 12.70
C ASP C 55 7.83 26.88 12.43
N ALA C 56 7.53 25.69 11.90
CA ALA C 56 6.14 25.32 11.65
C ALA C 56 5.26 25.55 12.85
N VAL C 57 5.79 25.38 14.07
CA VAL C 57 4.95 25.49 15.30
C VAL C 57 4.57 26.96 15.50
N PHE C 58 5.55 27.84 15.54
CA PHE C 58 5.27 29.27 15.70
C PHE C 58 4.32 29.75 14.58
N ASN C 59 4.66 29.44 13.33
CA ASN C 59 3.84 29.87 12.19
C ASN C 59 2.42 29.36 12.39
N PHE C 60 2.28 28.07 12.69
CA PHE C 60 0.94 27.52 12.82
C PHE C 60 0.06 28.40 13.65
N PHE C 61 0.58 28.78 14.81
CA PHE C 61 -0.17 29.44 15.87
C PHE C 61 -0.21 30.94 15.55
N ASP C 62 0.78 31.42 14.81
CA ASP C 62 0.75 32.82 14.31
C ASP C 62 -0.40 33.00 13.31
N ASN C 63 -0.52 32.04 12.40
CA ASN C 63 -1.61 31.90 11.45
C ASN C 63 -3.01 31.80 12.02
N LEU C 64 -3.11 31.64 13.33
CA LEU C 64 -4.41 31.63 13.97
C LEU C 64 -4.84 33.01 14.37
N LEU C 65 -3.93 33.96 14.38
CA LEU C 65 -4.23 35.26 14.99
C LEU C 65 -4.49 36.18 13.83
N PRO C 66 -5.18 37.32 14.05
CA PRO C 66 -5.32 38.41 13.07
C PRO C 66 -4.03 38.72 12.37
N ASP C 67 -3.98 38.81 11.06
CA ASP C 67 -2.79 39.26 10.37
C ASP C 67 -2.32 40.68 10.72
N SER C 68 -3.26 41.60 10.85
CA SER C 68 -2.97 43.00 11.04
C SER C 68 -2.27 43.37 12.31
N PRO C 69 -1.20 44.11 12.18
CA PRO C 69 -0.37 44.47 13.31
C PRO C 69 -1.06 45.47 14.16
N ILE C 70 -2.18 45.94 13.65
CA ILE C 70 -2.97 47.02 14.27
C ILE C 70 -4.13 46.41 15.08
N VAL C 71 -4.87 45.49 14.48
CA VAL C 71 -5.76 44.64 15.26
C VAL C 71 -4.98 43.96 16.40
N ARG C 72 -3.70 43.67 16.16
CA ARG C 72 -2.86 43.04 17.19
C ARG C 72 -2.59 43.94 18.36
N ASP C 73 -2.37 45.23 18.09
CA ASP C 73 -2.25 46.20 19.17
C ASP C 73 -3.51 46.36 19.99
N ARG C 74 -4.67 46.17 19.40
CA ARG C 74 -5.88 46.47 20.13
C ARG C 74 -6.06 45.41 21.18
N ILE C 75 -5.70 44.18 20.81
CA ILE C 75 -5.88 42.98 21.61
C ILE C 75 -4.89 43.08 22.76
N VAL C 76 -3.65 43.43 22.41
CA VAL C 76 -2.61 43.82 23.35
C VAL C 76 -3.05 44.87 24.38
N LYS C 77 -3.61 45.97 23.91
CA LYS C 77 -4.13 47.01 24.78
C LYS C 77 -5.31 46.56 25.62
N ARG C 78 -6.22 45.81 25.04
CA ARG C 78 -7.46 45.51 25.69
C ARG C 78 -7.30 44.47 26.76
N TYR C 79 -6.47 43.47 26.47
CA TYR C 79 -6.32 42.32 27.33
C TYR C 79 -4.97 42.37 28.07
N HIS C 80 -4.30 43.49 27.97
CA HIS C 80 -3.01 43.65 28.65
C HIS C 80 -2.03 42.51 28.30
N ALA C 81 -1.90 42.21 27.02
CA ALA C 81 -0.98 41.15 26.61
C ALA C 81 0.47 41.56 26.74
N LYS C 82 1.36 40.58 26.89
CA LYS C 82 2.76 40.86 27.17
C LYS C 82 3.47 41.26 25.89
N SER C 83 2.93 40.79 24.77
CA SER C 83 3.53 41.08 23.49
C SER C 83 2.59 40.73 22.37
N ARG C 84 3.13 40.68 21.15
CA ARG C 84 2.35 40.34 19.96
C ARG C 84 2.83 38.97 19.46
N GLN C 85 3.49 38.22 20.33
CA GLN C 85 3.90 36.88 19.96
C GLN C 85 2.67 35.95 20.03
N PRO C 86 2.65 34.91 19.20
CA PRO C 86 1.43 34.10 19.25
C PRO C 86 1.13 33.61 20.65
N PHE C 87 2.09 33.05 21.37
CA PHE C 87 1.77 32.44 22.66
C PHE C 87 1.09 33.49 23.50
N ASP C 88 1.62 34.71 23.50
CA ASP C 88 1.13 35.76 24.40
C ASP C 88 -0.24 36.28 23.99
N LEU C 89 -0.47 36.40 22.71
CA LEU C 89 -1.74 36.89 22.27
C LEU C 89 -2.77 35.82 22.39
N LEU C 90 -2.39 34.57 22.19
CA LEU C 90 -3.30 33.45 22.33
C LEU C 90 -3.59 33.03 23.77
N SER C 91 -2.80 33.43 24.73
CA SER C 91 -3.19 33.16 26.09
C SER C 91 -4.25 34.15 26.52
N GLU C 92 -4.74 34.92 25.59
CA GLU C 92 -5.74 35.90 25.89
C GLU C 92 -6.97 35.74 25.03
N ILE C 93 -6.82 35.47 23.75
CA ILE C 93 -8.00 35.29 22.90
C ILE C 93 -8.16 33.88 22.31
N GLY C 94 -7.21 32.99 22.63
CA GLY C 94 -7.10 31.64 22.08
C GLY C 94 -8.24 30.65 22.33
N ARG C 95 -9.41 31.15 22.72
CA ARG C 95 -10.56 30.27 22.82
C ARG C 95 -11.23 29.88 21.49
N ASP C 96 -11.91 30.81 20.84
CA ASP C 96 -12.54 30.55 19.55
C ASP C 96 -11.52 30.95 18.48
N SER C 97 -11.18 30.06 17.56
CA SER C 97 -10.38 30.44 16.38
C SER C 97 -10.85 29.69 15.13
N VAL C 98 -10.27 29.97 13.98
CA VAL C 98 -10.62 29.16 12.81
C VAL C 98 -10.29 27.70 13.14
N GLY C 99 -11.12 26.78 12.61
CA GLY C 99 -11.09 25.37 12.94
C GLY C 99 -11.18 25.20 14.44
N ALA C 100 -10.54 24.16 14.96
CA ALA C 100 -11.03 23.49 16.13
C ALA C 100 -10.24 23.77 17.42
N VAL C 101 -9.09 24.44 17.34
CA VAL C 101 -8.13 24.38 18.45
C VAL C 101 -8.51 25.44 19.45
N THR C 102 -8.48 25.05 20.73
CA THR C 102 -8.78 25.93 21.87
C THR C 102 -7.55 25.78 22.75
N LEU C 103 -7.12 26.86 23.39
CA LEU C 103 -5.83 26.87 24.09
C LEU C 103 -6.17 27.42 25.47
N ILE C 104 -5.73 26.73 26.51
CA ILE C 104 -6.07 27.14 27.86
C ILE C 104 -4.79 27.16 28.64
N PRO C 105 -4.52 28.29 29.32
CA PRO C 105 -3.43 28.37 30.29
C PRO C 105 -3.38 27.14 31.18
N GLU C 106 -2.21 26.74 31.62
CA GLU C 106 -2.17 25.53 32.38
C GLU C 106 -3.07 25.59 33.57
N ASP C 107 -4.04 26.49 33.56
CA ASP C 107 -5.00 26.61 34.68
C ASP C 107 -6.43 26.99 34.29
N LEU C 120 -29.25 39.48 22.72
CA LEU C 120 -28.64 40.80 22.52
C LEU C 120 -29.23 41.62 21.36
N THR C 121 -28.98 42.94 21.36
CA THR C 121 -30.02 43.98 21.28
C THR C 121 -29.88 44.99 20.14
N GLU C 122 -30.86 45.01 19.27
CA GLU C 122 -30.68 45.63 17.97
C GLU C 122 -29.76 46.79 18.09
N ALA C 123 -29.84 47.50 19.19
CA ALA C 123 -29.07 48.71 19.26
C ALA C 123 -27.71 48.49 19.87
N ARG C 124 -27.54 47.46 20.67
CA ARG C 124 -26.19 47.23 21.13
C ARG C 124 -25.43 46.55 20.00
N LEU C 125 -26.15 46.10 18.99
CA LEU C 125 -25.51 45.48 17.86
C LEU C 125 -24.93 46.52 16.91
N GLU C 126 -25.77 47.44 16.45
CA GLU C 126 -25.36 48.54 15.60
C GLU C 126 -24.18 49.14 16.30
N GLU C 127 -23.94 48.59 17.47
CA GLU C 127 -23.10 49.18 18.45
C GLU C 127 -21.90 48.30 18.64
N VAL C 128 -22.15 47.01 18.57
CA VAL C 128 -21.09 46.04 18.76
C VAL C 128 -20.05 46.10 17.68
N LEU C 129 -20.47 46.56 16.52
CA LEU C 129 -19.60 46.62 15.37
C LEU C 129 -19.19 48.06 15.21
N THR C 130 -18.03 48.39 15.74
CA THR C 130 -17.57 49.76 15.77
C THR C 130 -16.14 49.79 16.30
N ALA C 131 -15.20 50.23 15.46
CA ALA C 131 -13.75 50.04 15.69
C ALA C 131 -13.15 51.23 16.44
N MET C 140 -8.38 53.23 5.78
CA MET C 140 -7.02 52.84 6.16
C MET C 140 -6.02 53.31 5.11
N ILE C 141 -4.74 53.13 5.43
CA ILE C 141 -3.64 53.64 4.66
C ILE C 141 -2.65 52.52 4.43
N ARG C 142 -2.23 52.31 3.19
CA ARG C 142 -1.27 51.25 2.95
C ARG C 142 0.00 51.94 2.50
N GLU C 143 1.15 51.35 2.81
CA GLU C 143 2.43 51.91 2.34
C GLU C 143 2.72 51.51 0.91
N GLU C 144 1.98 50.53 0.41
CA GLU C 144 2.43 49.66 -0.68
C GLU C 144 1.49 49.89 -1.86
N ASN C 145 2.02 49.87 -3.09
CA ASN C 145 1.17 50.12 -4.27
C ASN C 145 0.49 48.92 -4.89
N ASP C 146 -0.13 48.07 -4.07
CA ASP C 146 -0.35 46.70 -4.51
C ASP C 146 -1.80 46.32 -4.77
N PHE C 147 -2.68 47.32 -4.75
CA PHE C 147 -4.09 47.12 -5.06
C PHE C 147 -4.76 45.98 -4.28
N ARG C 148 -4.54 45.97 -2.97
CA ARG C 148 -5.11 44.98 -2.09
C ARG C 148 -6.61 45.20 -2.03
N ILE C 149 -7.40 44.34 -2.68
CA ILE C 149 -8.86 44.41 -2.55
C ILE C 149 -9.32 43.10 -1.90
N SER C 150 -9.61 43.15 -0.61
CA SER C 150 -9.65 41.93 0.20
C SER C 150 -10.77 41.95 1.23
N VAL C 151 -11.55 40.88 1.31
CA VAL C 151 -12.48 40.71 2.43
C VAL C 151 -12.05 39.76 3.57
N ALA C 152 -10.79 39.29 3.49
CA ALA C 152 -10.13 38.44 4.49
C ALA C 152 -9.53 39.15 5.71
N GLY C 153 -9.48 40.48 5.75
CA GLY C 153 -9.01 41.19 6.95
C GLY C 153 -9.78 40.96 8.25
N ALA C 154 -9.06 40.70 9.34
CA ALA C 154 -9.66 40.61 10.69
C ALA C 154 -10.33 41.90 11.22
N GLN C 155 -10.00 43.02 10.63
CA GLN C 155 -10.38 44.33 11.15
C GLN C 155 -11.81 44.73 10.84
N GLU C 156 -12.55 43.83 10.23
CA GLU C 156 -13.92 44.12 9.89
C GLU C 156 -14.77 42.98 10.35
N LYS C 157 -14.18 42.03 11.04
CA LYS C 157 -14.86 40.79 11.34
C LYS C 157 -15.32 40.69 12.78
N THR C 158 -16.16 39.74 13.06
CA THR C 158 -16.66 39.53 14.41
C THR C 158 -17.43 38.23 14.38
N ALA C 159 -16.98 37.24 15.10
CA ALA C 159 -17.71 35.99 15.17
C ALA C 159 -18.85 36.13 16.19
N LEU C 160 -20.09 36.24 15.69
CA LEU C 160 -21.30 36.09 16.48
C LEU C 160 -21.86 34.66 16.52
N LEU C 161 -22.96 34.54 17.23
CA LEU C 161 -23.54 33.26 17.49
C LEU C 161 -25.00 33.46 17.35
N ARG C 162 -25.67 32.53 16.71
CA ARG C 162 -27.09 32.70 16.51
C ARG C 162 -27.73 31.55 15.80
N ILE C 163 -28.73 30.97 16.43
CA ILE C 163 -29.59 30.02 15.76
C ILE C 163 -30.99 30.59 15.74
N GLY C 164 -31.32 31.41 16.73
CA GLY C 164 -32.61 32.08 16.79
C GLY C 164 -32.81 33.09 15.68
N ASN C 165 -33.65 34.09 15.94
CA ASN C 165 -33.78 35.23 15.03
C ASN C 165 -32.80 36.35 15.37
N ASP C 166 -31.85 36.04 16.23
CA ASP C 166 -31.29 37.01 17.16
C ASP C 166 -29.78 36.79 17.16
N TRP C 167 -29.02 37.88 17.15
CA TRP C 167 -27.58 37.81 17.36
C TRP C 167 -27.27 37.80 18.84
N CYS C 168 -26.12 37.27 19.23
CA CYS C 168 -25.70 37.33 20.63
CA CYS C 168 -25.65 37.45 20.60
C CYS C 168 -24.20 37.00 20.75
N ILE C 169 -23.51 37.60 21.71
CA ILE C 169 -22.09 37.30 21.86
C ILE C 169 -22.09 36.00 22.64
N PRO C 170 -21.24 35.03 22.25
CA PRO C 170 -21.05 33.92 23.20
C PRO C 170 -20.42 34.49 24.47
N LYS C 171 -19.97 33.61 25.38
CA LYS C 171 -18.59 33.65 25.85
C LYS C 171 -18.31 32.38 26.65
N GLY C 172 -17.11 32.24 27.20
CA GLY C 172 -16.60 30.96 27.66
C GLY C 172 -15.81 30.20 26.62
N ILE C 173 -16.11 28.91 26.51
CA ILE C 173 -15.37 27.98 25.64
C ILE C 173 -16.20 27.72 24.37
N THR C 174 -17.25 28.53 24.17
CA THR C 174 -18.40 28.17 23.36
C THR C 174 -18.43 28.87 21.98
N PRO C 175 -18.56 28.07 20.90
CA PRO C 175 -18.16 28.44 19.53
C PRO C 175 -19.13 29.46 18.99
N THR C 176 -18.70 30.20 17.98
CA THR C 176 -19.58 31.12 17.28
C THR C 176 -20.16 30.36 16.08
N THR C 177 -21.22 30.88 15.44
CA THR C 177 -21.73 30.31 14.20
C THR C 177 -21.50 31.21 12.96
N HIS C 178 -21.31 32.49 13.16
CA HIS C 178 -21.23 33.38 12.04
C HIS C 178 -20.10 34.35 12.14
N ILE C 179 -19.60 34.75 11.00
CA ILE C 179 -18.63 35.81 10.93
C ILE C 179 -19.40 36.96 10.37
N ILE C 180 -19.28 38.11 10.98
CA ILE C 180 -19.96 39.28 10.52
C ILE C 180 -18.95 40.20 9.92
N LYS C 181 -19.16 40.63 8.69
CA LYS C 181 -18.19 41.58 8.10
C LYS C 181 -18.83 42.96 7.91
N LEU C 182 -18.09 43.98 8.32
CA LEU C 182 -18.47 45.36 8.06
C LEU C 182 -17.81 45.87 6.78
N PRO C 183 -18.34 46.96 6.21
CA PRO C 183 -17.72 47.57 5.01
C PRO C 183 -16.25 47.84 5.28
N ILE C 184 -15.42 47.70 4.27
CA ILE C 184 -14.04 48.08 4.43
C ILE C 184 -13.93 49.61 4.42
N GLY C 185 -14.63 50.25 3.54
CA GLY C 185 -14.49 51.66 3.37
C GLY C 185 -13.41 52.01 2.39
N GLU C 186 -12.86 53.19 2.53
CA GLU C 186 -11.94 53.67 1.56
C GLU C 186 -10.52 53.32 1.91
N ILE C 187 -9.71 53.04 0.90
CA ILE C 187 -8.34 52.67 1.13
C ILE C 187 -7.44 53.48 0.25
N ARG C 188 -6.44 54.07 0.87
CA ARG C 188 -5.47 54.91 0.18
C ARG C 188 -4.11 54.23 0.26
N GLN C 189 -3.66 53.71 -0.87
CA GLN C 189 -2.24 53.59 -1.15
C GLN C 189 -1.58 54.83 -1.84
N PRO C 190 -0.23 54.82 -1.98
CA PRO C 190 0.43 56.02 -2.50
C PRO C 190 -0.16 56.51 -3.82
N ASN C 191 -0.57 55.57 -4.69
CA ASN C 191 -0.89 55.90 -6.06
C ASN C 191 -2.35 55.71 -6.48
N ALA C 192 -3.22 55.38 -5.53
CA ALA C 192 -4.64 55.17 -5.85
C ALA C 192 -5.45 55.15 -4.56
N THR C 193 -6.72 55.54 -4.67
CA THR C 193 -7.71 55.33 -3.61
CA THR C 193 -7.69 55.31 -3.61
C THR C 193 -8.80 54.33 -4.01
N LEU C 194 -8.80 53.14 -3.40
CA LEU C 194 -9.84 52.10 -3.58
C LEU C 194 -11.06 52.28 -2.69
N ASP C 195 -12.21 52.58 -3.29
CA ASP C 195 -13.47 52.71 -2.54
C ASP C 195 -14.21 51.36 -2.31
N LEU C 196 -14.07 50.83 -1.10
CA LEU C 196 -14.48 49.47 -0.78
C LEU C 196 -15.61 49.59 0.24
N SER C 197 -16.27 50.75 0.22
CA SER C 197 -17.33 51.04 1.18
C SER C 197 -18.57 50.23 0.89
N GLN C 198 -18.58 49.56 -0.27
CA GLN C 198 -19.66 48.61 -0.46
C GLN C 198 -19.25 47.15 -0.53
N SER C 199 -18.23 46.76 0.24
CA SER C 199 -17.54 45.49 0.08
C SER C 199 -18.49 44.40 0.60
N VAL C 200 -19.47 44.83 1.40
CA VAL C 200 -20.49 43.95 1.98
C VAL C 200 -21.48 43.44 0.91
N ASP C 201 -22.00 44.36 0.11
CA ASP C 201 -22.84 44.08 -1.05
C ASP C 201 -22.08 43.33 -2.13
N ASN C 202 -20.86 43.77 -2.40
CA ASN C 202 -19.91 43.11 -3.28
C ASN C 202 -19.69 41.61 -2.97
N GLU C 203 -19.21 41.28 -1.78
CA GLU C 203 -19.03 39.88 -1.36
C GLU C 203 -20.32 39.07 -1.46
N TYR C 204 -21.42 39.62 -0.97
CA TYR C 204 -22.77 39.07 -1.17
C TYR C 204 -23.12 38.65 -2.61
N TYR C 205 -22.98 39.59 -3.56
CA TYR C 205 -23.15 39.28 -4.99
C TYR C 205 -22.29 38.08 -5.45
N CYS C 206 -21.01 38.13 -5.08
CA CYS C 206 -19.94 37.27 -5.60
C CYS C 206 -20.20 35.88 -5.04
N LEU C 207 -20.64 35.84 -3.80
CA LEU C 207 -21.01 34.55 -3.20
C LEU C 207 -22.23 33.86 -3.85
N LEU C 208 -23.34 34.58 -4.07
CA LEU C 208 -24.39 34.08 -4.96
C LEU C 208 -23.98 33.74 -6.38
N LEU C 209 -23.24 34.61 -7.06
CA LEU C 209 -22.68 34.19 -8.34
C LEU C 209 -21.96 32.83 -8.26
N ALA C 210 -21.19 32.60 -7.20
CA ALA C 210 -20.29 31.44 -7.18
C ALA C 210 -21.18 30.21 -7.05
N LYS C 211 -22.19 30.32 -6.19
CA LYS C 211 -23.19 29.30 -5.96
C LYS C 211 -23.93 28.96 -7.27
N GLU C 212 -24.51 29.96 -7.93
CA GLU C 212 -25.05 29.80 -9.28
C GLU C 212 -24.18 29.01 -10.24
N LEU C 213 -22.86 29.13 -10.13
CA LEU C 213 -21.95 28.47 -11.10
C LEU C 213 -21.48 27.11 -10.60
N GLY C 214 -22.20 26.59 -9.61
CA GLY C 214 -21.85 25.34 -8.93
C GLY C 214 -20.56 25.21 -8.12
N LEU C 215 -19.97 26.32 -7.70
CA LEU C 215 -18.92 26.37 -6.68
C LEU C 215 -19.52 26.25 -5.31
N ASN C 216 -18.86 25.47 -4.45
CA ASN C 216 -19.27 25.43 -3.04
C ASN C 216 -18.82 26.66 -2.25
N VAL C 217 -19.72 27.43 -1.66
CA VAL C 217 -19.32 28.64 -0.93
C VAL C 217 -20.31 28.70 0.20
N PRO C 218 -19.98 29.42 1.30
CA PRO C 218 -20.94 29.50 2.39
C PRO C 218 -22.18 30.34 2.13
N ASP C 219 -23.25 30.09 2.88
CA ASP C 219 -24.43 30.95 2.89
C ASP C 219 -24.18 32.25 3.64
N ALA C 220 -24.67 33.35 3.08
CA ALA C 220 -24.51 34.68 3.65
C ALA C 220 -25.85 35.44 3.66
N GLU C 221 -26.07 36.32 4.62
CA GLU C 221 -27.16 37.29 4.46
C GLU C 221 -26.62 38.66 4.81
N ILE C 222 -27.16 39.70 4.19
CA ILE C 222 -26.97 41.07 4.70
C ILE C 222 -27.90 41.38 5.89
N ILE C 223 -27.34 41.84 6.99
CA ILE C 223 -28.11 42.22 8.15
C ILE C 223 -27.99 43.73 8.47
N LYS C 224 -29.01 44.31 9.11
CA LYS C 224 -28.96 45.72 9.52
C LYS C 224 -29.66 46.05 10.83
N VAL C 228 -25.89 50.92 9.96
CA VAL C 228 -25.04 49.76 9.71
C VAL C 228 -25.61 48.59 8.88
N ARG C 229 -24.81 48.13 7.94
CA ARG C 229 -25.19 47.18 6.95
C ARG C 229 -24.01 46.22 6.77
N ALA C 230 -24.12 45.01 7.28
CA ALA C 230 -23.01 44.08 7.45
C ALA C 230 -23.32 42.78 6.72
N LEU C 231 -22.29 41.98 6.46
CA LEU C 231 -22.45 40.61 5.96
C LEU C 231 -22.46 39.57 7.06
N ALA C 232 -23.56 38.83 7.18
CA ALA C 232 -23.59 37.63 8.05
C ALA C 232 -23.27 36.38 7.24
N VAL C 233 -22.16 35.75 7.59
CA VAL C 233 -21.68 34.57 6.88
C VAL C 233 -21.63 33.37 7.79
N GLU C 234 -22.42 32.37 7.44
CA GLU C 234 -22.47 31.09 8.12
C GLU C 234 -21.14 30.31 8.08
N ARG C 235 -20.63 29.94 9.27
CA ARG C 235 -19.32 29.28 9.32
C ARG C 235 -19.41 27.82 8.88
N PHE C 236 -18.47 27.35 8.08
CA PHE C 236 -18.52 25.96 7.65
C PHE C 236 -17.53 25.08 8.45
N ASP C 237 -16.89 25.70 9.44
CA ASP C 237 -16.10 24.97 10.42
C ASP C 237 -16.82 24.84 11.78
N ARG C 238 -18.15 24.97 11.78
CA ARG C 238 -19.01 24.81 12.95
C ARG C 238 -20.17 23.89 12.52
N ARG C 239 -20.60 22.98 13.40
CA ARG C 239 -21.63 21.99 13.09
C ARG C 239 -22.25 21.52 14.41
N TRP C 240 -23.56 21.42 14.45
CA TRP C 240 -24.23 20.97 15.65
C TRP C 240 -24.07 19.51 15.93
N ASN C 241 -24.38 19.18 17.17
CA ASN C 241 -24.35 17.83 17.66
C ASN C 241 -25.38 16.95 17.00
N ALA C 242 -25.05 15.70 16.74
CA ALA C 242 -26.05 14.77 16.26
C ALA C 242 -27.29 14.91 17.14
N GLU C 243 -27.10 14.75 18.44
CA GLU C 243 -28.13 14.97 19.40
C GLU C 243 -28.59 16.41 19.33
N ARG C 244 -28.06 17.16 18.38
CA ARG C 244 -28.31 18.60 18.25
C ARG C 244 -28.17 19.44 19.52
N THR C 245 -27.15 19.20 20.33
CA THR C 245 -27.06 19.82 21.65
C THR C 245 -25.81 20.65 21.98
N VAL C 246 -24.78 20.54 21.14
CA VAL C 246 -23.48 21.21 21.31
C VAL C 246 -22.96 21.54 19.91
N LEU C 247 -22.65 22.81 19.65
CA LEU C 247 -21.88 23.22 18.46
C LEU C 247 -20.47 22.65 18.55
N LEU C 248 -20.12 21.76 17.63
CA LEU C 248 -18.75 21.36 17.36
C LEU C 248 -17.99 22.26 16.37
N ARG C 249 -16.67 22.29 16.56
CA ARG C 249 -15.70 22.96 15.72
C ARG C 249 -15.01 21.89 14.88
N LEU C 250 -14.94 22.17 13.58
CA LEU C 250 -14.37 21.26 12.62
C LEU C 250 -12.94 21.69 12.36
N PRO C 251 -12.03 20.74 12.53
CA PRO C 251 -10.64 21.04 12.26
C PRO C 251 -10.47 21.46 10.80
N GLN C 252 -9.76 22.57 10.60
CA GLN C 252 -9.39 22.97 9.27
C GLN C 252 -8.24 23.92 9.43
N GLU C 253 -7.42 24.05 8.40
CA GLU C 253 -6.34 25.02 8.37
C GLU C 253 -6.25 25.59 6.94
N ASP C 254 -5.58 26.75 6.82
CA ASP C 254 -5.38 27.40 5.51
C ASP C 254 -4.13 26.89 4.84
N MET C 255 -3.85 27.29 3.60
CA MET C 255 -2.66 26.76 2.93
C MET C 255 -1.40 27.30 3.50
N CYS C 256 -1.39 28.45 4.15
CA CYS C 256 -0.14 28.87 4.79
CA CYS C 256 -0.15 28.86 4.77
C CYS C 256 0.27 27.92 5.91
N GLN C 257 -0.67 27.58 6.75
CA GLN C 257 -0.45 26.62 7.79
C GLN C 257 -0.10 25.27 7.22
N THR C 258 -0.72 24.87 6.14
CA THR C 258 -0.50 23.56 5.61
C THR C 258 0.93 23.38 5.18
N PHE C 259 1.50 24.41 4.61
CA PHE C 259 2.84 24.33 4.12
C PHE C 259 3.87 24.82 5.10
N GLY C 260 3.49 25.13 6.33
CA GLY C 260 4.49 25.49 7.31
C GLY C 260 4.97 26.91 7.27
N LEU C 261 4.18 27.77 6.62
CA LEU C 261 4.64 29.12 6.26
C LEU C 261 3.99 30.23 7.07
N PRO C 262 4.64 31.39 7.11
CA PRO C 262 3.87 32.60 7.50
C PRO C 262 2.75 32.98 6.47
N GLY C 271 7.70 34.51 -2.14
CA GLY C 271 7.35 33.10 -2.12
C GLY C 271 5.84 32.97 -2.11
N GLY C 272 5.33 31.90 -1.53
CA GLY C 272 3.90 31.70 -1.45
C GLY C 272 3.48 30.62 -2.45
N PRO C 273 2.87 29.53 -1.98
CA PRO C 273 2.38 28.44 -2.83
C PRO C 273 1.45 28.96 -3.93
N GLY C 274 1.71 28.57 -5.18
CA GLY C 274 0.82 28.91 -6.29
C GLY C 274 -0.06 27.71 -6.61
N ILE C 275 -0.57 27.74 -7.84
CA ILE C 275 -1.41 26.69 -8.42
C ILE C 275 -0.81 25.31 -8.53
N ALA C 276 0.42 25.26 -9.01
CA ALA C 276 1.22 24.02 -8.95
C ALA C 276 1.40 23.36 -7.57
N ARG C 277 2.02 24.04 -6.60
CA ARG C 277 2.04 23.45 -5.27
C ARG C 277 0.68 23.03 -4.74
N ILE C 278 -0.33 23.88 -4.86
CA ILE C 278 -1.64 23.51 -4.36
C ILE C 278 -2.29 22.32 -5.08
N MET C 279 -2.10 22.30 -6.38
CA MET C 279 -2.63 21.20 -7.18
C MET C 279 -1.92 19.86 -6.88
N ALA C 280 -0.60 19.89 -6.73
CA ALA C 280 0.16 18.75 -6.19
C ALA C 280 -0.43 18.30 -4.86
N PHE C 281 -0.46 19.20 -3.89
CA PHE C 281 -1.12 18.88 -2.62
C PHE C 281 -2.50 18.23 -2.76
N LEU C 282 -3.30 18.72 -3.70
CA LEU C 282 -4.69 18.30 -3.73
C LEU C 282 -4.83 16.91 -4.34
N MET C 283 -3.83 16.48 -5.10
CA MET C 283 -3.73 15.06 -5.42
C MET C 283 -3.78 14.09 -4.23
N GLY C 284 -3.31 14.52 -3.06
CA GLY C 284 -3.49 13.74 -1.83
C GLY C 284 -4.77 13.94 -1.05
N SER C 285 -5.74 14.67 -1.62
CA SER C 285 -6.94 14.98 -0.84
C SER C 285 -7.78 13.70 -0.83
N SER C 286 -8.73 13.54 0.10
CA SER C 286 -9.60 12.40 -0.03
C SER C 286 -10.66 12.52 -1.15
N GLU C 287 -10.69 13.71 -1.75
CA GLU C 287 -11.57 14.01 -2.90
C GLU C 287 -10.69 14.64 -3.95
N ALA C 288 -9.60 13.98 -4.29
CA ALA C 288 -8.62 14.59 -5.15
C ALA C 288 -9.19 15.06 -6.48
N LEU C 289 -10.01 14.25 -7.15
CA LEU C 289 -10.34 14.66 -8.52
C LEU C 289 -11.36 15.79 -8.49
N LYS C 290 -12.34 15.74 -7.60
CA LYS C 290 -13.26 16.84 -7.38
C LYS C 290 -12.62 18.15 -6.91
N ASP C 291 -11.70 18.08 -5.96
CA ASP C 291 -11.02 19.24 -5.41
C ASP C 291 -10.08 19.82 -6.42
N ARG C 292 -9.50 18.98 -7.26
CA ARG C 292 -8.57 19.51 -8.23
C ARG C 292 -9.30 20.23 -9.37
N TYR C 293 -10.48 19.72 -9.68
CA TYR C 293 -11.36 20.24 -10.73
C TYR C 293 -11.91 21.59 -10.26
N ASP C 294 -12.57 21.59 -9.09
CA ASP C 294 -13.02 22.81 -8.41
C ASP C 294 -11.99 23.89 -8.22
N PHE C 295 -10.76 23.50 -7.94
CA PHE C 295 -9.77 24.49 -7.62
C PHE C 295 -9.38 25.19 -8.94
N MET C 296 -9.36 24.43 -10.02
CA MET C 296 -8.92 24.99 -11.29
C MET C 296 -10.06 25.89 -11.81
N LYS C 297 -11.24 25.34 -11.69
CA LYS C 297 -12.48 26.03 -11.97
C LYS C 297 -12.53 27.37 -11.24
N PHE C 298 -12.03 27.40 -10.01
CA PHE C 298 -12.10 28.60 -9.21
C PHE C 298 -11.07 29.61 -9.67
N GLN C 299 -10.00 29.16 -10.33
CA GLN C 299 -9.04 30.11 -10.89
C GLN C 299 -9.71 30.83 -12.06
N VAL C 300 -10.64 30.18 -12.75
CA VAL C 300 -11.31 30.74 -13.92
C VAL C 300 -12.39 31.69 -13.41
N PHE C 301 -13.16 31.27 -12.40
CA PHE C 301 -14.10 32.14 -11.71
C PHE C 301 -13.45 33.46 -11.26
N GLN C 302 -12.26 33.44 -10.69
CA GLN C 302 -11.69 34.64 -10.11
C GLN C 302 -11.22 35.59 -11.23
N TRP C 303 -10.69 35.02 -12.30
CA TRP C 303 -10.45 35.72 -13.53
C TRP C 303 -11.72 36.44 -14.07
N LEU C 304 -12.81 35.71 -14.22
CA LEU C 304 -14.08 36.25 -14.67
C LEU C 304 -14.70 37.38 -13.87
N ILE C 305 -14.72 37.24 -12.54
CA ILE C 305 -15.14 38.28 -11.63
C ILE C 305 -14.11 39.33 -11.16
N GLY C 306 -12.87 39.32 -11.65
CA GLY C 306 -11.94 40.41 -11.30
C GLY C 306 -11.45 40.26 -9.83
N ALA C 307 -11.38 39.04 -9.31
CA ALA C 307 -10.93 38.79 -7.91
C ALA C 307 -9.42 38.65 -7.86
N THR C 308 -8.75 39.52 -7.12
CA THR C 308 -7.30 39.58 -7.14
C THR C 308 -6.66 39.12 -5.79
N ASP C 309 -7.45 38.52 -4.90
CA ASP C 309 -6.99 38.19 -3.54
C ASP C 309 -6.87 36.69 -3.32
N GLY C 310 -6.82 35.88 -4.36
CA GLY C 310 -6.76 34.44 -4.09
C GLY C 310 -5.36 33.98 -3.75
N HIS C 311 -4.75 34.58 -2.72
CA HIS C 311 -3.60 33.98 -2.03
C HIS C 311 -3.82 32.69 -1.23
N ALA C 312 -2.70 32.01 -1.01
CA ALA C 312 -2.62 30.68 -0.39
C ALA C 312 -3.38 30.77 0.89
N LYS C 313 -3.14 31.88 1.57
CA LYS C 313 -3.80 32.14 2.84
C LYS C 313 -5.27 31.96 2.75
N ASN C 314 -5.83 31.97 1.54
CA ASN C 314 -7.28 32.10 1.36
C ASN C 314 -7.96 30.81 0.89
N PHE C 315 -7.20 29.72 0.81
CA PHE C 315 -7.81 28.39 0.60
C PHE C 315 -7.44 27.59 1.84
N SER C 316 -8.28 26.61 2.15
CA SER C 316 -8.29 25.91 3.41
C SER C 316 -8.71 24.50 3.06
N VAL C 317 -8.28 23.58 3.95
CA VAL C 317 -8.72 22.16 3.97
C VAL C 317 -9.31 21.82 5.33
N PHE C 318 -10.33 20.96 5.35
CA PHE C 318 -10.71 20.18 6.54
C PHE C 318 -9.61 19.13 6.85
N ILE C 319 -9.15 19.07 8.09
CA ILE C 319 -8.37 17.92 8.54
C ILE C 319 -9.28 16.85 9.14
N GLN C 320 -9.15 15.65 8.61
CA GLN C 320 -10.04 14.57 9.05
C GLN C 320 -9.27 13.55 9.90
N ALA C 321 -10.00 12.66 10.59
CA ALA C 321 -9.41 11.52 11.32
C ALA C 321 -8.26 10.97 10.52
N GLY C 322 -7.12 10.74 11.15
CA GLY C 322 -5.96 10.27 10.39
C GLY C 322 -5.14 11.32 9.66
N GLY C 323 -5.54 12.60 9.58
CA GLY C 323 -4.71 13.54 8.81
C GLY C 323 -4.88 13.44 7.29
N SER C 324 -6.03 12.90 6.88
CA SER C 324 -6.47 13.08 5.51
C SER C 324 -7.26 14.36 5.44
N TYR C 325 -7.42 14.91 4.26
CA TYR C 325 -7.90 16.26 4.09
C TYR C 325 -8.76 16.47 2.83
N ARG C 326 -9.58 17.50 2.86
CA ARG C 326 -10.50 17.85 1.79
C ARG C 326 -10.52 19.33 1.73
N LEU C 327 -10.69 19.93 0.57
CA LEU C 327 -10.93 21.37 0.48
C LEU C 327 -12.17 21.80 1.22
N THR C 328 -12.13 22.94 1.86
CA THR C 328 -13.39 23.52 2.39
C THR C 328 -14.15 24.15 1.21
N PRO C 329 -15.36 24.70 1.45
CA PRO C 329 -15.94 25.74 0.57
C PRO C 329 -14.99 26.92 0.32
N PHE C 330 -15.16 27.62 -0.80
CA PHE C 330 -14.33 28.81 -1.01
C PHE C 330 -15.01 30.01 -0.31
N TYR C 331 -14.27 31.03 0.06
CA TYR C 331 -14.86 32.05 0.95
C TYR C 331 -14.07 33.35 0.75
N ASP C 332 -14.58 34.45 1.32
CA ASP C 332 -13.89 35.77 1.24
C ASP C 332 -13.61 36.19 -0.18
N ILE C 333 -14.65 36.32 -0.99
CA ILE C 333 -14.52 36.54 -2.42
C ILE C 333 -15.06 37.97 -2.67
N ILE C 334 -14.27 38.83 -3.31
CA ILE C 334 -14.74 40.17 -3.65
C ILE C 334 -14.31 40.52 -5.07
N SER C 335 -15.21 41.09 -5.87
CA SER C 335 -14.74 41.60 -7.18
C SER C 335 -14.05 42.96 -7.04
N ALA C 336 -12.97 43.16 -7.80
CA ALA C 336 -12.39 44.50 -8.00
C ALA C 336 -13.08 45.37 -9.08
N PHE C 337 -14.07 44.83 -9.80
CA PHE C 337 -14.81 45.56 -10.87
C PHE C 337 -15.42 46.87 -10.40
N PRO C 338 -16.12 46.88 -9.27
CA PRO C 338 -16.62 48.12 -8.75
C PRO C 338 -15.58 49.18 -8.29
N VAL C 339 -14.27 48.95 -8.40
CA VAL C 339 -13.35 50.02 -7.99
C VAL C 339 -12.67 50.49 -9.27
N LEU C 340 -13.06 49.90 -10.41
CA LEU C 340 -12.54 50.41 -11.68
C LEU C 340 -13.16 51.74 -12.06
N GLY C 341 -12.33 52.74 -12.40
CA GLY C 341 -12.77 53.91 -13.13
C GLY C 341 -13.08 55.04 -12.16
N GLY C 342 -13.14 56.26 -12.64
CA GLY C 342 -13.42 57.40 -11.80
C GLY C 342 -12.33 57.70 -10.82
N THR C 343 -12.66 57.75 -9.54
CA THR C 343 -11.70 57.97 -8.46
C THR C 343 -10.83 56.75 -8.26
N GLY C 344 -11.21 55.66 -8.91
CA GLY C 344 -10.60 54.35 -8.77
C GLY C 344 -9.56 53.98 -9.78
N ILE C 345 -9.51 52.75 -10.20
CA ILE C 345 -8.28 52.28 -10.82
C ILE C 345 -8.61 51.80 -12.24
N HIS C 346 -7.60 51.31 -12.92
CA HIS C 346 -7.69 50.82 -14.28
C HIS C 346 -7.80 49.31 -14.30
N ILE C 347 -8.27 48.74 -15.40
CA ILE C 347 -8.33 47.30 -15.53
C ILE C 347 -6.96 46.67 -15.76
N SER C 348 -5.99 47.46 -16.16
CA SER C 348 -4.69 46.95 -16.44
C SER C 348 -3.93 46.78 -15.16
N ASP C 349 -4.47 47.31 -14.09
CA ASP C 349 -3.94 47.13 -12.72
C ASP C 349 -4.31 45.82 -11.98
N LEU C 350 -5.37 45.14 -12.43
CA LEU C 350 -5.86 43.90 -11.85
C LEU C 350 -5.00 42.69 -12.21
N LYS C 351 -4.36 42.09 -11.21
CA LYS C 351 -3.50 40.87 -11.29
C LYS C 351 -4.11 39.73 -10.45
N LEU C 352 -4.19 38.54 -11.02
CA LEU C 352 -4.48 37.31 -10.28
C LEU C 352 -3.37 37.12 -9.20
N ALA C 353 -3.73 36.76 -7.97
CA ALA C 353 -2.71 36.51 -6.91
C ALA C 353 -1.83 35.33 -7.19
N MET C 354 -2.39 34.31 -7.85
CA MET C 354 -1.63 33.17 -8.38
C MET C 354 -1.73 33.12 -9.90
N GLY C 355 -0.61 33.33 -10.57
CA GLY C 355 -0.60 33.50 -12.02
C GLY C 355 -0.64 32.18 -12.75
N LEU C 356 -0.91 32.22 -14.05
CA LEU C 356 -1.09 31.06 -14.89
C LEU C 356 0.19 30.79 -15.68
N ASN C 357 0.25 29.63 -16.34
CA ASN C 357 1.13 29.37 -17.49
C ASN C 357 2.39 28.59 -17.15
N LYS C 362 3.27 32.81 -13.90
CA LYS C 362 3.78 33.55 -15.03
C LYS C 362 2.86 34.57 -15.71
N LYS C 363 1.66 34.21 -16.16
CA LYS C 363 0.72 35.26 -16.58
C LYS C 363 -0.25 35.69 -15.44
N THR C 364 -0.24 36.95 -15.01
CA THR C 364 -1.10 37.49 -13.92
C THR C 364 -2.20 38.55 -14.27
N ALA C 365 -2.01 39.29 -15.36
CA ALA C 365 -2.88 40.41 -15.78
C ALA C 365 -4.16 39.86 -16.36
N ILE C 366 -5.24 40.12 -15.66
CA ILE C 366 -6.56 39.55 -15.86
C ILE C 366 -7.11 39.92 -17.25
N ASP C 367 -6.78 41.14 -17.67
CA ASP C 367 -7.19 41.67 -18.97
C ASP C 367 -6.26 41.24 -20.14
N LYS C 368 -5.02 40.78 -19.88
CA LYS C 368 -4.28 40.00 -20.87
C LYS C 368 -4.48 38.49 -20.98
N ILE C 369 -5.46 37.93 -20.29
CA ILE C 369 -5.51 36.49 -20.10
C ILE C 369 -6.71 35.97 -20.84
N TYR C 370 -6.50 34.92 -21.63
CA TYR C 370 -7.52 34.34 -22.51
C TYR C 370 -7.69 32.84 -22.20
N PRO C 371 -8.75 32.18 -22.69
CA PRO C 371 -8.79 30.73 -22.48
C PRO C 371 -7.51 29.93 -22.67
N ARG C 372 -6.69 30.39 -23.61
CA ARG C 372 -5.47 29.72 -24.05
C ARG C 372 -4.49 29.59 -22.90
N HIS C 373 -4.52 30.56 -21.97
CA HIS C 373 -3.57 30.57 -20.84
C HIS C 373 -3.90 29.55 -19.75
N PHE C 374 -5.18 29.39 -19.45
CA PHE C 374 -5.69 28.27 -18.71
C PHE C 374 -5.35 26.88 -19.26
N LEU C 375 -5.58 26.66 -20.55
CA LEU C 375 -5.05 25.47 -21.21
C LEU C 375 -3.53 25.29 -21.20
N ALA C 376 -2.73 26.31 -21.45
CA ALA C 376 -1.28 26.14 -21.23
C ALA C 376 -0.97 25.71 -19.81
N THR C 377 -1.71 26.23 -18.83
CA THR C 377 -1.51 25.89 -17.43
C THR C 377 -1.93 24.46 -17.10
N ALA C 378 -3.14 24.06 -17.48
CA ALA C 378 -3.61 22.69 -17.32
C ALA C 378 -2.63 21.67 -17.90
N LYS C 379 -2.07 21.98 -19.04
CA LYS C 379 -1.06 21.17 -19.64
C LYS C 379 0.18 21.08 -18.79
N VAL C 380 0.74 22.20 -18.38
CA VAL C 380 1.90 22.15 -17.53
C VAL C 380 1.67 21.39 -16.22
N LEU C 381 0.43 21.31 -15.79
CA LEU C 381 0.09 20.72 -14.51
C LEU C 381 -0.34 19.28 -14.57
N ARG C 382 -0.45 18.78 -15.77
CA ARG C 382 -0.97 17.46 -16.05
C ARG C 382 -2.32 17.38 -15.38
N PHE C 383 -3.03 18.48 -15.44
CA PHE C 383 -4.50 18.48 -15.35
C PHE C 383 -5.15 18.25 -16.71
N PRO C 384 -5.94 17.22 -16.83
CA PRO C 384 -6.50 16.81 -18.12
C PRO C 384 -7.10 17.88 -19.02
N GLU C 385 -6.49 18.14 -20.17
CA GLU C 385 -7.01 19.10 -21.12
C GLU C 385 -8.51 19.08 -21.24
N VAL C 386 -9.08 17.92 -21.10
CA VAL C 386 -10.49 17.73 -21.37
C VAL C 386 -11.32 18.22 -20.24
N GLN C 387 -10.69 18.31 -19.09
CA GLN C 387 -11.37 18.77 -17.93
C GLN C 387 -11.32 20.28 -17.93
N MET C 388 -10.21 20.86 -18.32
CA MET C 388 -10.12 22.26 -18.59
C MET C 388 -11.10 22.76 -19.66
N HIS C 389 -11.24 22.09 -20.79
CA HIS C 389 -12.26 22.49 -21.73
C HIS C 389 -13.63 22.45 -21.09
N GLU C 390 -13.90 21.43 -20.31
CA GLU C 390 -15.21 21.30 -19.77
C GLU C 390 -15.52 22.47 -18.88
N ILE C 391 -14.51 23.05 -18.30
CA ILE C 391 -14.74 24.01 -17.25
C ILE C 391 -15.04 25.31 -18.00
N LEU C 392 -14.15 25.62 -18.95
CA LEU C 392 -14.24 26.78 -19.86
C LEU C 392 -15.56 26.82 -20.62
N SER C 393 -15.98 25.66 -21.10
CA SER C 393 -17.29 25.50 -21.76
C SER C 393 -18.48 25.70 -20.88
N ASP C 394 -18.44 25.32 -19.62
CA ASP C 394 -19.66 25.45 -18.83
C ASP C 394 -19.84 26.91 -18.40
N PHE C 395 -18.74 27.65 -18.36
CA PHE C 395 -18.77 29.06 -18.02
C PHE C 395 -19.30 29.84 -19.24
N ALA C 396 -18.74 29.62 -20.43
CA ALA C 396 -19.40 29.95 -21.71
C ALA C 396 -20.91 29.84 -21.75
N ARG C 397 -21.44 28.62 -21.58
CA ARG C 397 -22.87 28.34 -21.37
C ARG C 397 -23.59 28.98 -20.20
N MET C 398 -22.96 29.02 -19.04
CA MET C 398 -23.77 29.29 -17.85
C MET C 398 -23.72 30.75 -17.41
N ILE C 399 -22.66 31.48 -17.76
CA ILE C 399 -22.51 32.84 -17.20
C ILE C 399 -23.75 33.75 -17.33
N PRO C 400 -24.28 33.92 -18.57
CA PRO C 400 -25.47 34.80 -18.69
C PRO C 400 -26.68 34.53 -17.78
N ALA C 401 -27.14 33.28 -17.66
CA ALA C 401 -28.29 32.99 -16.78
C ALA C 401 -27.99 33.08 -15.28
N ALA C 402 -26.78 32.67 -14.88
CA ALA C 402 -26.25 32.84 -13.50
C ALA C 402 -26.34 34.31 -13.08
N LEU C 403 -25.82 35.20 -13.92
CA LEU C 403 -25.81 36.63 -13.68
C LEU C 403 -27.20 37.18 -13.57
N ASP C 404 -28.05 36.67 -14.41
CA ASP C 404 -29.44 36.99 -14.40
C ASP C 404 -30.22 36.41 -13.23
N ASN C 405 -29.93 35.17 -12.84
CA ASN C 405 -30.56 34.61 -11.66
C ASN C 405 -30.10 35.30 -10.40
N VAL C 406 -28.82 35.62 -10.30
CA VAL C 406 -28.36 36.40 -9.17
C VAL C 406 -29.09 37.74 -9.10
N LYS C 407 -29.21 38.43 -10.24
CA LYS C 407 -29.85 39.75 -10.28
C LYS C 407 -31.29 39.74 -9.78
N THR C 408 -32.08 38.79 -10.27
CA THR C 408 -33.41 38.45 -9.74
C THR C 408 -33.57 38.26 -8.23
N SER C 409 -32.57 37.66 -7.59
CA SER C 409 -32.65 37.31 -6.18
C SER C 409 -31.96 38.30 -5.25
N LEU C 410 -31.54 39.46 -5.77
CA LEU C 410 -30.98 40.51 -4.89
C LEU C 410 -32.11 41.23 -4.14
N PRO C 411 -31.81 41.76 -2.98
CA PRO C 411 -32.76 42.56 -2.27
C PRO C 411 -33.06 43.76 -3.09
N THR C 412 -34.12 44.45 -2.73
CA THR C 412 -34.56 45.62 -3.46
C THR C 412 -33.65 46.78 -3.11
N ASP C 413 -33.12 46.71 -1.90
CA ASP C 413 -32.13 47.59 -1.33
C ASP C 413 -30.83 47.77 -2.11
N PHE C 414 -30.48 46.79 -2.93
CA PHE C 414 -29.17 46.64 -3.52
C PHE C 414 -28.64 47.76 -4.40
N PRO C 415 -27.40 48.16 -4.18
CA PRO C 415 -26.77 49.23 -4.95
C PRO C 415 -26.46 48.82 -6.37
N GLU C 416 -27.11 49.50 -7.31
CA GLU C 416 -27.08 49.20 -8.73
C GLU C 416 -25.72 49.39 -9.39
N ASN C 417 -24.93 50.36 -8.92
CA ASN C 417 -23.54 50.55 -9.40
C ASN C 417 -22.70 49.28 -9.25
N VAL C 418 -22.94 48.58 -8.13
CA VAL C 418 -22.24 47.32 -7.79
C VAL C 418 -22.59 46.25 -8.83
N VAL C 419 -23.88 45.94 -8.99
CA VAL C 419 -24.32 45.05 -10.03
C VAL C 419 -23.85 45.42 -11.43
N THR C 420 -24.08 46.68 -11.79
CA THR C 420 -23.67 47.12 -13.09
C THR C 420 -22.18 46.93 -13.32
N ALA C 421 -21.34 47.21 -12.35
CA ALA C 421 -19.92 47.08 -12.58
C ALA C 421 -19.50 45.66 -12.72
N VAL C 422 -20.04 44.79 -11.89
CA VAL C 422 -19.67 43.41 -11.96
C VAL C 422 -20.22 42.74 -13.19
N GLU C 423 -21.50 42.90 -13.42
CA GLU C 423 -22.11 42.23 -14.53
C GLU C 423 -21.50 42.57 -15.86
N SER C 424 -21.23 43.85 -16.08
CA SER C 424 -20.76 44.30 -17.37
C SER C 424 -19.33 43.86 -17.59
N ASN C 425 -18.56 43.73 -16.54
CA ASN C 425 -17.16 43.40 -16.73
C ASN C 425 -16.96 41.87 -16.78
N VAL C 426 -17.81 41.15 -16.05
CA VAL C 426 -17.98 39.72 -16.31
C VAL C 426 -18.36 39.28 -17.75
N LEU C 427 -19.36 39.92 -18.33
CA LEU C 427 -19.87 39.59 -19.67
C LEU C 427 -18.78 39.90 -20.64
N ARG C 428 -18.03 40.96 -20.37
CA ARG C 428 -16.91 41.25 -21.27
C ARG C 428 -15.83 40.14 -21.39
N LEU C 429 -15.33 39.61 -20.26
CA LEU C 429 -14.30 38.56 -20.25
C LEU C 429 -14.88 37.21 -20.70
N HIS C 430 -16.12 36.96 -20.31
CA HIS C 430 -16.94 35.86 -20.82
C HIS C 430 -17.06 35.81 -22.35
N GLY C 431 -17.13 36.96 -23.01
CA GLY C 431 -17.16 36.96 -24.47
C GLY C 431 -15.85 36.42 -25.03
N ARG C 432 -14.83 36.22 -24.18
CA ARG C 432 -13.59 35.58 -24.67
C ARG C 432 -13.76 34.05 -24.73
N LEU C 433 -14.76 33.57 -24.01
CA LEU C 433 -15.10 32.16 -23.95
C LEU C 433 -15.99 31.81 -25.15
N SER C 434 -16.89 32.73 -25.49
CA SER C 434 -17.74 32.59 -26.65
C SER C 434 -16.94 32.57 -27.93
N ARG C 435 -16.01 33.47 -28.07
CA ARG C 435 -15.22 33.45 -29.27
C ARG C 435 -14.66 32.07 -29.45
N GLU C 436 -14.92 31.20 -28.50
CA GLU C 436 -14.25 29.92 -28.47
C GLU C 436 -15.09 28.69 -28.20
N TYR C 437 -16.08 28.80 -27.33
CA TYR C 437 -16.87 27.63 -26.90
C TYR C 437 -18.35 27.72 -27.28
N GLN D 5 -7.34 6.41 9.05
CA GLN D 5 -7.09 5.07 8.59
C GLN D 5 -6.83 5.01 7.09
N LYS D 6 -7.58 5.75 6.30
CA LYS D 6 -7.40 5.76 4.87
C LYS D 6 -6.37 6.74 4.44
N ILE D 7 -5.55 6.37 3.50
CA ILE D 7 -4.39 7.19 3.22
C ILE D 7 -4.28 7.49 1.74
N TYR D 8 -3.84 8.71 1.38
CA TYR D 8 -4.03 9.25 0.03
C TYR D 8 -2.86 9.92 -0.59
N SER D 9 -1.75 10.00 0.11
CA SER D 9 -0.53 10.50 -0.46
C SER D 9 0.72 9.86 0.08
N PRO D 10 1.83 10.07 -0.57
CA PRO D 10 3.11 9.65 -0.05
C PRO D 10 3.50 10.29 1.27
N THR D 11 3.15 11.54 1.49
CA THR D 11 3.46 12.23 2.71
C THR D 11 2.63 11.73 3.87
N GLN D 12 1.35 11.49 3.67
CA GLN D 12 0.49 10.97 4.74
C GLN D 12 0.94 9.61 5.25
N LEU D 13 1.51 8.86 4.32
CA LEU D 13 1.91 7.49 4.49
C LEU D 13 3.23 7.47 5.24
N ALA D 14 4.25 8.14 4.68
CA ALA D 14 5.43 8.51 5.43
C ALA D 14 5.22 8.95 6.86
N ASN D 15 4.35 9.93 7.08
CA ASN D 15 4.03 10.34 8.45
C ASN D 15 3.49 9.22 9.32
N ALA D 16 2.61 8.39 8.79
CA ALA D 16 1.95 7.38 9.62
C ALA D 16 2.91 6.26 10.08
N MET D 17 3.85 5.94 9.19
CA MET D 17 4.92 5.00 9.31
C MET D 17 6.09 5.47 10.18
N LYS D 18 6.50 6.74 10.05
CA LYS D 18 7.35 7.41 11.04
C LYS D 18 6.78 7.28 12.43
N LEU D 19 5.53 7.63 12.61
CA LEU D 19 4.91 7.42 13.90
C LEU D 19 4.94 5.95 14.35
N VAL D 20 4.86 4.99 13.42
CA VAL D 20 4.82 3.62 13.89
C VAL D 20 6.22 3.24 14.35
N ARG D 21 7.22 3.54 13.54
CA ARG D 21 8.58 3.53 14.01
C ARG D 21 8.71 4.03 15.43
N GLN D 22 8.29 5.24 15.71
CA GLN D 22 8.48 5.83 17.01
C GLN D 22 7.77 5.12 18.13
N GLN D 23 6.53 4.75 17.94
CA GLN D 23 5.80 4.07 18.97
C GLN D 23 6.37 2.72 19.40
N ASN D 24 7.28 2.15 18.62
CA ASN D 24 8.03 0.95 18.94
C ASN D 24 9.41 1.41 19.25
N GLY D 25 9.55 2.39 20.10
CA GLY D 25 10.66 3.27 19.87
C GLY D 25 11.80 2.54 19.22
N TRP D 26 11.71 2.27 17.92
CA TRP D 26 12.88 2.04 17.05
C TRP D 26 13.47 3.31 16.51
N THR D 27 14.64 3.19 15.93
CA THR D 27 15.40 4.32 15.43
C THR D 27 15.62 4.02 13.98
N GLN D 28 16.00 5.02 13.24
CA GLN D 28 16.16 4.83 11.84
C GLN D 28 17.14 3.75 11.52
N SER D 29 18.22 3.63 12.26
CA SER D 29 19.17 2.58 11.96
C SER D 29 18.75 1.21 12.49
N GLU D 30 18.12 1.13 13.64
CA GLU D 30 17.60 -0.16 14.02
C GLU D 30 16.89 -0.78 12.83
N LEU D 31 15.98 -0.01 12.25
CA LEU D 31 15.24 -0.35 11.07
C LEU D 31 16.09 -0.72 9.89
N ALA D 32 16.90 0.20 9.43
CA ALA D 32 17.72 -0.04 8.26
C ALA D 32 18.50 -1.31 8.39
N LYS D 33 18.90 -1.59 9.60
CA LYS D 33 19.76 -2.72 9.86
C LYS D 33 18.98 -3.99 9.86
N LYS D 34 17.70 -3.88 10.14
CA LYS D 34 16.83 -5.02 10.18
C LYS D 34 16.60 -5.59 8.82
N ILE D 35 16.73 -4.75 7.81
CA ILE D 35 16.39 -5.18 6.47
C ILE D 35 17.57 -5.09 5.57
N GLY D 36 18.58 -4.35 5.96
CA GLY D 36 19.79 -4.36 5.20
C GLY D 36 19.98 -3.25 4.20
N ILE D 37 19.46 -2.08 4.52
CA ILE D 37 19.62 -0.92 3.65
C ILE D 37 20.21 0.16 4.54
N LYS D 38 20.82 1.18 3.97
CA LYS D 38 21.46 2.21 4.77
C LYS D 38 20.49 3.20 5.38
N GLN D 39 20.79 3.68 6.56
CA GLN D 39 19.84 4.47 7.28
C GLN D 39 19.44 5.73 6.55
N ALA D 40 20.22 6.15 5.57
CA ALA D 40 19.86 7.34 4.86
C ALA D 40 18.55 7.10 4.20
N THR D 41 18.48 5.99 3.52
CA THR D 41 17.32 5.59 2.75
C THR D 41 16.01 5.68 3.52
N ILE D 42 16.04 5.35 4.78
CA ILE D 42 14.88 5.46 5.62
C ILE D 42 14.62 6.92 5.90
N SER D 43 15.66 7.69 5.91
CA SER D 43 15.55 9.07 6.26
C SER D 43 15.02 9.81 5.08
N ASN D 44 15.58 9.51 3.93
CA ASN D 44 15.06 10.00 2.71
C ASN D 44 13.60 9.68 2.49
N PHE D 45 13.05 8.75 3.21
CA PHE D 45 11.69 8.34 2.97
C PHE D 45 10.82 9.12 3.85
N GLU D 46 11.22 9.24 5.09
CA GLU D 46 10.40 9.89 6.05
C GLU D 46 10.37 11.35 5.75
N ASN D 47 11.37 11.84 5.04
CA ASN D 47 11.48 13.26 4.80
C ASN D 47 11.06 13.59 3.40
N ASN D 48 11.31 12.69 2.45
CA ASN D 48 10.96 13.01 1.09
C ASN D 48 10.25 11.89 0.32
N PRO D 49 9.07 11.50 0.80
CA PRO D 49 8.43 10.25 0.41
C PRO D 49 8.03 10.04 -1.04
N ASP D 50 7.95 11.14 -1.80
CA ASP D 50 7.39 11.17 -3.14
C ASP D 50 8.16 10.31 -4.13
N ASN D 51 9.49 10.32 -4.05
CA ASN D 51 10.29 9.63 -5.03
C ASN D 51 10.88 8.29 -4.58
N THR D 52 10.50 7.86 -3.39
CA THR D 52 10.74 6.50 -2.96
C THR D 52 10.10 5.50 -3.92
N THR D 53 10.87 4.50 -4.34
CA THR D 53 10.30 3.40 -5.12
C THR D 53 9.35 2.52 -4.28
N LEU D 54 8.55 1.73 -4.93
CA LEU D 54 7.74 0.76 -4.25
C LEU D 54 8.56 -0.36 -3.68
N THR D 55 9.67 -0.70 -4.29
CA THR D 55 10.49 -1.72 -3.69
C THR D 55 11.02 -1.32 -2.31
N THR D 56 11.54 -0.11 -2.20
CA THR D 56 12.02 0.42 -0.96
C THR D 56 10.92 0.59 0.06
N PHE D 57 9.80 1.15 -0.35
CA PHE D 57 8.64 1.24 0.52
C PHE D 57 8.23 -0.10 1.14
N PHE D 58 8.24 -1.18 0.37
CA PHE D 58 7.79 -2.47 0.92
C PHE D 58 8.86 -3.08 1.86
N LYS D 59 10.14 -2.91 1.55
CA LYS D 59 11.19 -3.10 2.60
C LYS D 59 11.01 -2.39 3.96
N ILE D 60 10.83 -1.08 3.95
CA ILE D 60 10.60 -0.35 5.20
C ILE D 60 9.34 -0.90 5.81
N LEU D 61 8.40 -1.25 4.96
CA LEU D 61 7.11 -1.67 5.53
C LEU D 61 7.25 -3.03 6.24
N GLN D 62 8.02 -3.93 5.66
CA GLN D 62 8.43 -5.20 6.31
C GLN D 62 9.21 -4.99 7.64
N SER D 63 10.15 -4.03 7.65
CA SER D 63 10.85 -3.62 8.88
C SER D 63 9.93 -3.29 10.02
N LEU D 64 8.78 -2.69 9.72
CA LEU D 64 7.95 -2.11 10.78
C LEU D 64 6.94 -3.16 11.11
N GLU D 65 7.03 -4.27 10.38
CA GLU D 65 6.12 -5.38 10.69
C GLU D 65 4.68 -5.03 10.37
N LEU D 66 4.50 -4.43 9.20
CA LEU D 66 3.20 -3.94 8.76
C LEU D 66 2.98 -4.58 7.39
N SER D 67 1.72 -4.73 7.00
CA SER D 67 1.39 -4.76 5.58
C SER D 67 0.47 -3.57 5.25
N MET D 68 -0.01 -3.57 4.00
CA MET D 68 -0.95 -2.58 3.55
C MET D 68 -2.08 -3.29 2.84
N THR D 69 -3.26 -2.68 2.85
CA THR D 69 -4.40 -3.15 2.06
C THR D 69 -4.95 -2.01 1.19
N LEU D 70 -5.77 -2.35 0.20
CA LEU D 70 -6.46 -1.38 -0.65
C LEU D 70 -7.90 -1.26 -0.16
N CYS D 71 -8.47 -0.06 -0.15
CA CYS D 71 -9.86 0.19 0.24
C CYS D 71 -10.65 0.83 -0.90
N ASP D 72 -11.96 0.65 -0.92
CA ASP D 72 -12.82 1.82 -1.16
C ASP D 72 -12.76 3.00 -0.19
N LEU D 86 -17.65 8.71 14.73
CA LEU D 86 -16.81 9.89 14.80
C LEU D 86 -17.61 11.06 14.35
N GLU D 87 -17.84 12.00 15.22
CA GLU D 87 -18.64 13.15 14.88
C GLU D 87 -17.92 14.37 14.34
N TRP D 88 -16.62 14.30 14.15
CA TRP D 88 -15.88 15.37 13.50
C TRP D 88 -14.49 14.93 13.09
HG HG E . -8.73 -44.81 5.42
HG HG F . 12.88 -24.43 -12.68
CL CL G . 34.23 -23.73 -6.78
CL CL H . 37.85 -17.89 -2.67
CL CL I . 20.05 -16.29 -9.05
HG HG J . -5.63 -3.17 7.66
CL CL K . -7.12 -5.27 -20.46
CL CL L . -5.38 -4.65 10.51
HG HG M . -28.69 33.45 20.07
HG HG N . -27.67 34.18 24.29
HG HG O . 1.70 31.69 2.97
CL CL P . 3.83 27.32 -7.25
CL CL Q . 1.28 39.70 -17.02
CL CL R . 1.27 35.71 -23.97
HG HG S . -9.44 -1.03 3.64
CL CL T . -12.32 -0.60 2.97
CL CL U . 13.36 9.94 16.13
#